data_6EO4
#
_entry.id   6EO4
#
_cell.length_a   149.230
_cell.length_b   149.230
_cell.length_c   205.570
_cell.angle_alpha   90.000
_cell.angle_beta   90.000
_cell.angle_gamma   90.000
#
_symmetry.space_group_name_H-M   'P 41 21 2'
#
loop_
_entity.id
_entity.type
_entity.pdbx_description
1 polymer 'PpBBE-like 1'
2 non-polymer 'FLAVIN-ADENINE DINUCLEOTIDE'
3 non-polymer 2-acetamido-2-deoxy-beta-D-glucopyranose
4 water water
#
_entity_poly.entity_id   1
_entity_poly.type   'polypeptide(L)'
_entity_poly.pdbx_seq_one_letter_code
;NEQRMGRKLAATTLKQCLAKGGARTAFPGTSEYSTARLAYNLRERYAPSAFVFPTTVAQVQNAVFCAKQVGVGIVPRGGG
HSYEDYSLGGRDGVLVVDMEGFKQFSYNKAAKTAVVGAGFRLGPLYLALWNAGKVTIPAGNCPTVGIAGHALGGGWGFSS
RKFGLVTDNILEVQLVAANGTVVTANAQKNKDLYFAIRGAGATSYGIVTQFTFRVHDVSAPVTHFKYRWNDKAVLFKNFK
SFQSWGLNVPAEISAAFYMDPSGVSWLEGTYLGKKTSLLPLVKTFLASAAPNPTRVEEELNWIQLILVNWNYPSNTNPNQ
LNNVPFTTNTFKAKSIYVNGPGLSDAGINAMINAMNTGSNAYFIYDLYGSQSAINKVVPGETAFIHRNSLYSIQMVASWS
NDNNAVTQTSYITRYWKVVRTYATGQAYQNYIDRDMPLSAYYGSSLSTLIAGKKKWDPQNVFNFPQSIPLKHHHHHHHH
;
_entity_poly.pdbx_strand_id   A,B
#
loop_
_chem_comp.id
_chem_comp.type
_chem_comp.name
_chem_comp.formula
FAD non-polymer 'FLAVIN-ADENINE DINUCLEOTIDE' 'C27 H33 N9 O15 P2'
NAG D-saccharide, beta linking 2-acetamido-2-deoxy-beta-D-glucopyranose 'C8 H15 N O6'
#
# COMPACT_ATOMS: atom_id res chain seq x y z
N THR A 12 -23.65 -32.23 16.41
CA THR A 12 -23.19 -31.75 17.72
C THR A 12 -22.40 -30.42 17.63
N THR A 13 -22.64 -29.56 18.63
CA THR A 13 -22.10 -28.20 18.63
C THR A 13 -20.64 -28.19 19.06
N LEU A 14 -20.05 -26.98 19.02
CA LEU A 14 -18.67 -26.79 19.43
C LEU A 14 -18.53 -26.94 20.95
N LYS A 15 -19.47 -26.36 21.71
CA LYS A 15 -19.49 -26.52 23.17
C LYS A 15 -19.36 -27.99 23.56
N GLN A 16 -20.16 -28.85 22.93
CA GLN A 16 -20.17 -30.26 23.30
C GLN A 16 -18.86 -30.94 22.95
N CYS A 17 -18.33 -30.68 21.74
CA CYS A 17 -17.12 -31.34 21.31
C CYS A 17 -15.94 -30.96 22.21
N LEU A 18 -15.80 -29.68 22.55
CA LEU A 18 -14.65 -29.26 23.36
C LEU A 18 -14.77 -29.67 24.82
N ALA A 19 -16.00 -29.90 25.31
CA ALA A 19 -16.17 -30.38 26.68
C ALA A 19 -15.64 -31.80 26.86
N LYS A 20 -15.65 -32.61 25.79
CA LYS A 20 -15.05 -33.95 25.86
C LYS A 20 -13.57 -33.88 26.22
N GLY A 21 -12.88 -32.85 25.71
CA GLY A 21 -11.45 -32.71 25.99
C GLY A 21 -11.17 -32.21 27.38
N GLY A 22 -12.08 -31.41 27.94
CA GLY A 22 -12.00 -30.95 29.31
C GLY A 22 -11.23 -29.67 29.53
N ALA A 23 -10.74 -29.04 28.46
CA ALA A 23 -10.02 -27.79 28.59
C ALA A 23 -10.96 -26.65 28.93
N ARG A 24 -10.42 -25.63 29.59
CA ARG A 24 -11.21 -24.44 29.86
C ARG A 24 -11.66 -23.81 28.54
N THR A 25 -12.88 -23.30 28.52
CA THR A 25 -13.36 -22.64 27.32
C THR A 25 -13.95 -21.29 27.70
N ALA A 26 -14.28 -20.52 26.66
CA ALA A 26 -15.00 -19.27 26.79
C ALA A 26 -15.74 -19.02 25.48
N PHE A 27 -17.02 -18.64 25.57
CA PHE A 27 -17.90 -18.58 24.41
C PHE A 27 -18.58 -17.23 24.35
N PRO A 28 -18.97 -16.78 23.15
CA PRO A 28 -19.44 -15.40 22.98
C PRO A 28 -20.53 -15.03 23.98
N GLY A 29 -20.50 -13.79 24.44
CA GLY A 29 -21.47 -13.30 25.39
C GLY A 29 -21.06 -13.38 26.84
N THR A 30 -20.08 -14.21 27.18
CA THR A 30 -19.60 -14.32 28.55
C THR A 30 -18.49 -13.30 28.85
N SER A 31 -18.17 -13.16 30.14
CA SER A 31 -17.11 -12.26 30.55
C SER A 31 -15.73 -12.90 30.36
N GLU A 32 -15.63 -14.23 30.43
CA GLU A 32 -14.38 -14.90 30.09
C GLU A 32 -14.01 -14.66 28.62
N TYR A 33 -15.00 -14.75 27.73
CA TYR A 33 -14.78 -14.49 26.31
C TYR A 33 -14.39 -13.04 26.05
N SER A 34 -15.02 -12.11 26.76
CA SER A 34 -14.67 -10.71 26.56
C SER A 34 -13.23 -10.40 26.99
N THR A 35 -12.77 -10.90 28.14
CA THR A 35 -11.39 -10.60 28.53
C THR A 35 -10.38 -11.39 27.69
N ALA A 36 -10.80 -12.49 27.05
CA ALA A 36 -9.85 -13.20 26.21
C ALA A 36 -9.63 -12.52 24.88
N ARG A 37 -10.44 -11.53 24.54
CA ARG A 37 -10.32 -10.84 23.27
C ARG A 37 -9.17 -9.86 23.24
N LEU A 38 -8.47 -9.67 24.37
CA LEU A 38 -7.31 -8.78 24.44
C LEU A 38 -6.31 -9.11 23.35
N ALA A 39 -5.82 -8.07 22.70
CA ALA A 39 -4.80 -8.25 21.70
C ALA A 39 -3.96 -6.97 21.69
N TYR A 40 -2.68 -7.12 21.36
CA TYR A 40 -1.80 -5.95 21.37
C TYR A 40 -2.30 -4.87 20.41
N ASN A 41 -2.63 -5.24 19.17
CA ASN A 41 -3.32 -4.33 18.27
C ASN A 41 -4.82 -4.47 18.45
N LEU A 42 -5.49 -3.37 18.80
CA LEU A 42 -6.94 -3.34 18.97
C LEU A 42 -7.67 -2.90 17.71
N ARG A 43 -7.00 -2.87 16.55
CA ARG A 43 -7.64 -2.29 15.39
C ARG A 43 -8.69 -3.23 14.82
N GLU A 44 -8.35 -4.52 14.67
CA GLU A 44 -9.27 -5.49 14.08
C GLU A 44 -9.84 -6.37 15.21
N ARG A 45 -10.99 -5.97 15.77
CA ARG A 45 -11.50 -6.66 16.95
C ARG A 45 -12.27 -7.92 16.53
N TYR A 46 -11.52 -8.85 15.93
CA TYR A 46 -12.11 -10.06 15.39
C TYR A 46 -12.80 -10.81 16.52
N ALA A 47 -13.99 -11.36 16.23
CA ALA A 47 -14.78 -12.13 17.20
C ALA A 47 -14.68 -13.62 16.92
N PRO A 48 -13.91 -14.38 17.69
CA PRO A 48 -13.79 -15.83 17.46
C PRO A 48 -15.08 -16.58 17.78
N SER A 49 -15.16 -17.83 17.27
CA SER A 49 -16.21 -18.76 17.68
C SER A 49 -16.09 -19.11 19.15
N ALA A 50 -14.87 -19.35 19.62
CA ALA A 50 -14.61 -19.71 21.00
C ALA A 50 -13.13 -19.63 21.28
N PHE A 51 -12.81 -19.50 22.57
CA PHE A 51 -11.45 -19.60 23.08
C PHE A 51 -11.30 -20.91 23.85
N VAL A 52 -10.26 -21.67 23.57
CA VAL A 52 -9.96 -22.88 24.33
C VAL A 52 -8.53 -22.80 24.82
N PHE A 53 -8.31 -23.23 26.07
CA PHE A 53 -7.06 -22.98 26.80
C PHE A 53 -6.41 -24.31 27.18
N PRO A 54 -5.79 -25.00 26.23
CA PRO A 54 -5.25 -26.34 26.53
C PRO A 54 -4.13 -26.26 27.54
N THR A 55 -4.05 -27.31 28.38
CA THR A 55 -2.91 -27.56 29.26
C THR A 55 -2.21 -28.89 28.98
N THR A 56 -2.80 -29.77 28.17
CA THR A 56 -2.16 -31.02 27.75
C THR A 56 -2.18 -31.13 26.23
N VAL A 57 -1.22 -31.91 25.71
CA VAL A 57 -1.17 -32.18 24.26
C VAL A 57 -2.49 -32.76 23.76
N ALA A 58 -3.09 -33.67 24.52
CA ALA A 58 -4.37 -34.25 24.08
C ALA A 58 -5.45 -33.19 23.92
N GLN A 59 -5.44 -32.15 24.76
CA GLN A 59 -6.44 -31.09 24.62
C GLN A 59 -6.24 -30.30 23.34
N VAL A 60 -5.00 -30.10 22.92
CA VAL A 60 -4.75 -29.54 21.60
C VAL A 60 -5.36 -30.44 20.54
N GLN A 61 -5.04 -31.75 20.60
CA GLN A 61 -5.58 -32.73 19.65
C GLN A 61 -7.11 -32.68 19.60
N ASN A 62 -7.74 -32.42 20.75
CA ASN A 62 -9.18 -32.28 20.80
C ASN A 62 -9.63 -31.06 20.01
N ALA A 63 -9.01 -29.91 20.28
CA ALA A 63 -9.38 -28.67 19.58
C ALA A 63 -9.21 -28.80 18.07
N VAL A 64 -8.10 -29.39 17.62
CA VAL A 64 -7.88 -29.59 16.18
C VAL A 64 -8.94 -30.52 15.60
N PHE A 65 -9.28 -31.58 16.34
CA PHE A 65 -10.33 -32.47 15.91
C PHE A 65 -11.69 -31.75 15.88
N CYS A 66 -12.00 -31.01 16.95
CA CYS A 66 -13.31 -30.39 17.07
C CYS A 66 -13.54 -29.32 16.02
N ALA A 67 -12.49 -28.61 15.61
CA ALA A 67 -12.70 -27.57 14.62
C ALA A 67 -12.97 -28.17 13.26
N LYS A 68 -12.32 -29.30 12.95
CA LYS A 68 -12.60 -29.95 11.68
C LYS A 68 -14.04 -30.46 11.64
N GLN A 69 -14.55 -30.95 12.77
CA GLN A 69 -15.88 -31.57 12.79
C GLN A 69 -16.98 -30.52 12.66
N VAL A 70 -16.85 -29.37 13.35
CA VAL A 70 -17.84 -28.30 13.25
C VAL A 70 -17.66 -27.43 12.03
N GLY A 71 -16.53 -27.51 11.34
CA GLY A 71 -16.31 -26.66 10.18
C GLY A 71 -15.98 -25.22 10.49
N VAL A 72 -15.14 -24.97 11.49
CA VAL A 72 -14.67 -23.63 11.81
C VAL A 72 -13.17 -23.58 11.56
N GLY A 73 -12.66 -22.37 11.43
CA GLY A 73 -11.23 -22.19 11.36
C GLY A 73 -10.60 -22.23 12.73
N ILE A 74 -9.30 -22.40 12.76
CA ILE A 74 -8.61 -22.57 14.04
C ILE A 74 -7.24 -21.94 13.91
N VAL A 75 -6.87 -21.11 14.88
CA VAL A 75 -5.49 -20.58 14.95
C VAL A 75 -4.99 -20.69 16.37
N PRO A 76 -3.72 -21.01 16.57
CA PRO A 76 -3.12 -20.90 17.90
C PRO A 76 -2.83 -19.44 18.24
N ARG A 77 -2.85 -19.15 19.54
CA ARG A 77 -2.40 -17.86 20.02
C ARG A 77 -1.35 -18.04 21.11
N GLY A 78 -0.22 -17.37 20.97
CA GLY A 78 0.77 -17.31 22.03
C GLY A 78 0.62 -16.05 22.86
N GLY A 79 1.45 -15.05 22.58
CA GLY A 79 1.49 -13.83 23.36
C GLY A 79 0.51 -12.78 22.88
N GLY A 80 0.01 -12.97 21.66
CA GLY A 80 -1.01 -12.11 21.08
C GLY A 80 -0.54 -10.77 20.59
N HIS A 81 0.71 -10.68 20.11
CA HIS A 81 1.27 -9.43 19.60
C HIS A 81 1.12 -9.27 18.09
N SER A 82 0.45 -10.20 17.40
CA SER A 82 0.38 -10.14 15.94
C SER A 82 -0.06 -8.77 15.49
N TYR A 83 0.77 -8.11 14.66
CA TYR A 83 0.43 -6.76 14.22
C TYR A 83 -0.85 -6.72 13.39
N GLU A 84 -1.27 -7.84 12.82
CA GLU A 84 -2.48 -7.91 12.03
C GLU A 84 -3.59 -8.68 12.72
N ASP A 85 -3.46 -8.94 14.03
CA ASP A 85 -4.43 -9.70 14.81
C ASP A 85 -4.64 -11.11 14.27
N TYR A 86 -3.62 -11.70 13.66
CA TYR A 86 -3.81 -13.02 13.08
C TYR A 86 -4.02 -14.10 14.12
N SER A 87 -3.72 -13.82 15.39
CA SER A 87 -3.93 -14.79 16.45
C SER A 87 -5.31 -14.68 17.06
N LEU A 88 -6.13 -13.75 16.60
CA LEU A 88 -7.58 -13.89 16.73
C LEU A 88 -8.20 -14.47 15.47
N GLY A 89 -7.39 -14.93 14.52
CA GLY A 89 -7.86 -15.58 13.33
C GLY A 89 -7.64 -14.80 12.04
N GLY A 90 -7.65 -13.47 12.11
CA GLY A 90 -7.60 -12.72 10.87
C GLY A 90 -8.91 -12.65 10.16
N ARG A 91 -9.97 -13.18 10.80
CA ARG A 91 -11.35 -13.07 10.34
C ARG A 91 -12.25 -13.44 11.51
N ASP A 92 -13.55 -13.19 11.36
CA ASP A 92 -14.51 -13.57 12.40
C ASP A 92 -14.79 -15.07 12.37
N GLY A 93 -15.14 -15.60 13.55
CA GLY A 93 -15.59 -16.97 13.70
C GLY A 93 -14.53 -18.04 13.58
N VAL A 94 -13.49 -17.93 14.39
CA VAL A 94 -12.39 -18.88 14.44
C VAL A 94 -12.27 -19.42 15.86
N LEU A 95 -11.87 -20.68 15.96
CA LEU A 95 -11.51 -21.23 17.27
C LEU A 95 -10.07 -20.82 17.60
N VAL A 96 -9.91 -20.02 18.65
CA VAL A 96 -8.58 -19.56 19.06
C VAL A 96 -8.08 -20.51 20.14
N VAL A 97 -6.93 -21.12 19.90
CA VAL A 97 -6.35 -22.08 20.84
C VAL A 97 -5.23 -21.34 21.59
N ASP A 98 -5.60 -20.69 22.70
CA ASP A 98 -4.64 -19.91 23.49
C ASP A 98 -3.71 -20.86 24.25
N MET A 99 -2.42 -20.86 23.89
CA MET A 99 -1.44 -21.80 24.41
C MET A 99 -0.87 -21.43 25.79
N GLU A 100 -1.59 -20.60 26.55
CA GLU A 100 -1.10 -20.08 27.82
C GLU A 100 -0.74 -21.17 28.81
N GLY A 101 -1.30 -22.35 28.67
CA GLY A 101 -0.99 -23.38 29.64
C GLY A 101 0.24 -24.19 29.36
N PHE A 102 1.02 -23.86 28.33
CA PHE A 102 2.23 -24.61 28.01
C PHE A 102 3.44 -23.79 28.46
N LYS A 103 3.78 -23.91 29.74
CA LYS A 103 4.88 -23.15 30.31
C LYS A 103 5.99 -24.06 30.81
N GLN A 104 6.10 -25.24 30.21
CA GLN A 104 7.11 -26.18 30.66
C GLN A 104 8.49 -25.59 30.44
N PHE A 105 9.39 -25.82 31.39
CA PHE A 105 10.73 -25.30 31.33
C PHE A 105 11.73 -26.31 31.88
N SER A 106 12.89 -26.40 31.24
CA SER A 106 13.99 -27.19 31.76
C SER A 106 15.26 -26.77 31.00
N TYR A 107 16.40 -26.82 31.69
CA TYR A 107 17.65 -26.35 31.13
C TYR A 107 18.69 -27.45 31.30
N ASN A 108 19.44 -27.73 30.25
CA ASN A 108 20.44 -28.79 30.26
C ASN A 108 21.80 -28.12 30.08
N LYS A 109 22.52 -27.93 31.19
CA LYS A 109 23.75 -27.15 31.19
C LYS A 109 24.80 -27.77 30.27
N ALA A 110 24.85 -29.10 30.23
CA ALA A 110 25.88 -29.75 29.47
C ALA A 110 25.62 -29.63 27.98
N ALA A 111 24.37 -29.83 27.56
CA ALA A 111 24.01 -29.75 26.15
C ALA A 111 23.93 -28.31 25.67
N LYS A 112 23.85 -27.36 26.60
CA LYS A 112 23.60 -25.95 26.27
C LYS A 112 22.25 -25.81 25.56
N THR A 113 21.22 -26.46 26.10
CA THR A 113 19.88 -26.40 25.50
C THR A 113 18.83 -26.17 26.58
N ALA A 114 17.68 -25.69 26.16
CA ALA A 114 16.56 -25.42 27.06
C ALA A 114 15.27 -25.86 26.37
N VAL A 115 14.33 -26.36 27.17
CA VAL A 115 13.03 -26.76 26.67
C VAL A 115 12.04 -25.70 27.12
N VAL A 116 11.35 -25.09 26.17
CA VAL A 116 10.43 -23.99 26.45
C VAL A 116 9.07 -24.34 25.88
N GLY A 117 8.03 -24.17 26.68
CA GLY A 117 6.68 -24.40 26.21
C GLY A 117 6.15 -23.25 25.38
N ALA A 118 5.32 -23.57 24.39
CA ALA A 118 4.90 -22.56 23.41
C ALA A 118 4.01 -21.48 23.97
N GLY A 119 3.72 -21.45 25.27
CA GLY A 119 2.94 -20.37 25.85
C GLY A 119 3.74 -19.38 26.66
N PHE A 120 5.07 -19.51 26.69
CA PHE A 120 5.94 -18.60 27.42
C PHE A 120 5.92 -17.20 26.83
N ARG A 121 6.12 -16.22 27.70
CA ARG A 121 6.37 -14.83 27.32
C ARG A 121 7.85 -14.49 27.49
N LEU A 122 8.33 -13.51 26.74
CA LEU A 122 9.76 -13.23 26.69
C LEU A 122 10.30 -12.83 28.04
N GLY A 123 9.54 -12.02 28.78
CA GLY A 123 9.94 -11.59 30.09
C GLY A 123 10.23 -12.76 31.00
N PRO A 124 9.20 -13.51 31.36
CA PRO A 124 9.41 -14.69 32.22
C PRO A 124 10.45 -15.67 31.70
N LEU A 125 10.50 -15.91 30.39
CA LEU A 125 11.49 -16.82 29.83
C LEU A 125 12.91 -16.32 30.12
N TYR A 126 13.14 -15.02 29.95
CA TYR A 126 14.45 -14.45 30.27
C TYR A 126 14.81 -14.73 31.73
N LEU A 127 13.86 -14.52 32.63
CA LEU A 127 14.11 -14.73 34.05
C LEU A 127 14.40 -16.20 34.33
N ALA A 128 13.55 -17.10 33.83
CA ALA A 128 13.81 -18.53 34.04
C ALA A 128 15.20 -18.93 33.55
N LEU A 129 15.58 -18.49 32.35
CA LEU A 129 16.87 -18.88 31.78
C LEU A 129 18.05 -18.27 32.54
N TRP A 130 17.88 -17.07 33.10
CA TRP A 130 18.95 -16.45 33.86
C TRP A 130 19.15 -17.15 35.20
N ASN A 131 18.05 -17.31 35.95
CA ASN A 131 18.07 -18.02 37.23
C ASN A 131 18.64 -19.43 37.09
N ALA A 132 18.39 -20.10 35.96
CA ALA A 132 18.76 -21.50 35.84
C ALA A 132 20.25 -21.69 35.64
N GLY A 133 20.90 -20.80 34.89
CA GLY A 133 22.30 -21.02 34.56
C GLY A 133 23.02 -19.83 33.97
N LYS A 134 22.47 -18.63 34.17
CA LYS A 134 22.99 -17.42 33.54
C LYS A 134 23.17 -17.61 32.03
N VAL A 135 22.07 -17.99 31.36
CA VAL A 135 22.01 -18.23 29.91
C VAL A 135 20.81 -17.48 29.32
N THR A 136 20.85 -17.31 28.00
CA THR A 136 19.72 -16.64 27.35
C THR A 136 19.58 -17.16 25.92
N ILE A 137 18.37 -16.96 25.36
CA ILE A 137 18.19 -17.02 23.91
C ILE A 137 18.20 -15.57 23.42
N PRO A 138 18.66 -15.29 22.19
CA PRO A 138 18.72 -13.89 21.72
C PRO A 138 17.38 -13.34 21.22
N ALA A 139 16.40 -13.24 22.11
CA ALA A 139 15.06 -12.79 21.72
C ALA A 139 14.92 -11.27 21.81
N GLY A 140 13.72 -10.79 21.50
CA GLY A 140 13.44 -9.37 21.45
C GLY A 140 13.43 -8.75 22.82
N ASN A 141 12.96 -7.51 22.88
CA ASN A 141 13.00 -6.75 24.11
C ASN A 141 11.62 -6.42 24.65
N CYS A 142 10.56 -6.76 23.95
CA CYS A 142 9.24 -6.57 24.51
C CYS A 142 8.91 -7.73 25.44
N PRO A 143 8.82 -7.50 26.76
CA PRO A 143 8.70 -8.64 27.69
C PRO A 143 7.36 -9.38 27.60
N THR A 144 6.28 -8.75 27.11
CA THR A 144 5.00 -9.45 27.01
C THR A 144 4.84 -10.26 25.73
N VAL A 145 5.86 -10.30 24.87
CA VAL A 145 5.76 -10.99 23.60
C VAL A 145 5.86 -12.49 23.83
N GLY A 146 4.98 -13.25 23.19
CA GLY A 146 5.04 -14.70 23.32
C GLY A 146 6.20 -15.26 22.51
N ILE A 147 6.86 -16.28 23.06
CA ILE A 147 8.00 -16.89 22.37
C ILE A 147 7.57 -17.56 21.07
N ALA A 148 6.34 -18.09 21.01
CA ALA A 148 5.88 -18.88 19.87
C ALA A 148 5.92 -18.10 18.56
N GLY A 149 5.06 -17.07 18.45
CA GLY A 149 5.06 -16.26 17.24
C GLY A 149 6.43 -15.69 16.95
N HIS A 150 7.03 -15.08 17.98
CA HIS A 150 8.36 -14.50 17.87
C HIS A 150 9.38 -15.46 17.26
N ALA A 151 9.47 -16.68 17.81
CA ALA A 151 10.50 -17.62 17.34
C ALA A 151 10.19 -18.16 15.96
N LEU A 152 8.92 -18.38 15.65
CA LEU A 152 8.51 -18.96 14.38
C LEU A 152 8.61 -17.96 13.22
N GLY A 153 8.72 -16.67 13.50
CA GLY A 153 8.82 -15.71 12.43
C GLY A 153 10.16 -15.05 12.31
N GLY A 154 11.13 -15.44 13.15
CA GLY A 154 12.45 -14.81 13.14
C GLY A 154 12.91 -14.46 14.54
N GLY A 155 12.70 -13.21 14.97
CA GLY A 155 13.05 -12.80 16.31
C GLY A 155 14.43 -12.16 16.37
N TRP A 156 14.46 -10.83 16.38
CA TRP A 156 15.68 -10.04 16.46
C TRP A 156 15.73 -9.34 17.80
N GLY A 157 16.82 -9.54 18.54
CA GLY A 157 17.01 -8.91 19.82
C GLY A 157 18.40 -8.29 19.94
N PHE A 158 18.64 -7.70 21.10
CA PHE A 158 19.89 -6.96 21.30
C PHE A 158 21.10 -7.84 21.58
N SER A 159 20.99 -9.17 21.50
CA SER A 159 22.15 -10.04 21.38
C SER A 159 22.16 -10.79 20.06
N SER A 160 21.24 -10.44 19.14
CA SER A 160 21.05 -11.26 17.96
C SER A 160 22.25 -11.22 17.02
N ARG A 161 23.04 -10.13 17.01
CA ARG A 161 24.17 -10.09 16.08
C ARG A 161 25.30 -11.01 16.50
N LYS A 162 25.31 -11.47 17.76
CA LYS A 162 26.29 -12.45 18.22
C LYS A 162 25.75 -13.87 18.17
N PHE A 163 24.51 -14.07 18.67
CA PHE A 163 23.92 -15.40 18.89
C PHE A 163 22.89 -15.81 17.83
N GLY A 164 22.48 -14.89 16.96
CA GLY A 164 21.55 -15.20 15.89
C GLY A 164 20.15 -14.72 16.19
N LEU A 165 19.23 -15.11 15.33
CA LEU A 165 17.82 -14.89 15.59
C LEU A 165 17.29 -15.99 16.48
N VAL A 166 16.21 -15.69 17.20
CA VAL A 166 15.52 -16.75 17.95
C VAL A 166 15.33 -17.96 17.06
N THR A 167 14.82 -17.73 15.84
CA THR A 167 14.53 -18.83 14.92
C THR A 167 15.76 -19.65 14.60
N ASP A 168 16.95 -19.03 14.56
CA ASP A 168 18.17 -19.79 14.30
C ASP A 168 18.53 -20.70 15.44
N ASN A 169 18.06 -20.41 16.64
CA ASN A 169 18.40 -21.20 17.81
C ASN A 169 17.31 -22.21 18.15
N ILE A 170 16.37 -22.46 17.24
CA ILE A 170 15.46 -23.59 17.38
C ILE A 170 16.19 -24.86 16.96
N LEU A 171 16.30 -25.81 17.90
CA LEU A 171 16.89 -27.11 17.64
C LEU A 171 15.85 -28.16 17.30
N GLU A 172 14.60 -27.97 17.75
CA GLU A 172 13.53 -28.94 17.59
C GLU A 172 12.22 -28.29 17.99
N VAL A 173 11.12 -28.74 17.38
CA VAL A 173 9.78 -28.40 17.83
C VAL A 173 8.95 -29.66 17.90
N GLN A 174 7.86 -29.56 18.65
CA GLN A 174 6.81 -30.57 18.63
C GLN A 174 5.51 -29.85 18.33
N LEU A 175 4.75 -30.38 17.38
CA LEU A 175 3.47 -29.76 17.06
C LEU A 175 2.42 -30.83 16.81
N VAL A 176 1.17 -30.46 17.09
CA VAL A 176 -0.01 -31.22 16.70
C VAL A 176 -0.33 -30.87 15.25
N ALA A 177 -0.30 -31.87 14.36
CA ALA A 177 -0.51 -31.62 12.94
C ALA A 177 -1.99 -31.53 12.62
N ALA A 178 -2.31 -31.24 11.35
CA ALA A 178 -3.71 -31.08 10.98
C ALA A 178 -4.49 -32.40 11.09
N ASN A 179 -3.85 -33.53 10.82
CA ASN A 179 -4.55 -34.81 10.92
C ASN A 179 -4.60 -35.36 12.35
N GLY A 180 -3.88 -34.73 13.30
CA GLY A 180 -3.94 -35.09 14.71
C GLY A 180 -2.66 -35.67 15.29
N THR A 181 -1.75 -36.19 14.45
CA THR A 181 -0.51 -36.78 14.95
C THR A 181 0.33 -35.74 15.69
N VAL A 182 0.90 -36.13 16.83
CA VAL A 182 1.97 -35.35 17.47
C VAL A 182 3.26 -35.60 16.72
N VAL A 183 3.87 -34.53 16.22
CA VAL A 183 5.01 -34.60 15.30
C VAL A 183 6.21 -33.96 15.97
N THR A 184 7.39 -34.49 15.70
CA THR A 184 8.64 -33.88 16.14
C THR A 184 9.44 -33.45 14.92
N ALA A 185 9.90 -32.20 14.90
CA ALA A 185 10.69 -31.71 13.79
C ALA A 185 12.03 -31.22 14.30
N ASN A 186 13.11 -31.71 13.69
CA ASN A 186 14.46 -31.24 13.98
C ASN A 186 15.33 -31.56 12.78
N ALA A 187 16.64 -31.37 12.93
CA ALA A 187 17.56 -31.48 11.80
C ALA A 187 17.59 -32.90 11.22
N GLN A 188 17.13 -33.91 11.97
CA GLN A 188 17.06 -35.29 11.48
C GLN A 188 15.64 -35.74 11.17
N LYS A 189 14.72 -35.67 12.14
CA LYS A 189 13.35 -36.12 11.93
C LYS A 189 12.51 -35.02 11.27
N ASN A 190 11.98 -35.31 10.08
CA ASN A 190 11.09 -34.38 9.37
C ASN A 190 11.77 -33.08 8.95
N LYS A 191 12.83 -33.15 8.14
CA LYS A 191 13.63 -31.95 7.83
C LYS A 191 12.81 -30.86 7.14
N ASP A 192 11.86 -31.26 6.29
CA ASP A 192 11.01 -30.30 5.56
C ASP A 192 10.20 -29.45 6.53
N LEU A 193 9.58 -30.07 7.53
CA LEU A 193 8.81 -29.33 8.51
C LEU A 193 9.74 -28.50 9.40
N TYR A 194 10.91 -29.05 9.76
CA TYR A 194 11.88 -28.27 10.53
C TYR A 194 12.31 -27.03 9.76
N PHE A 195 12.47 -27.15 8.43
CA PHE A 195 12.79 -25.99 7.60
C PHE A 195 11.67 -24.94 7.60
N ALA A 196 10.43 -25.40 7.42
CA ALA A 196 9.32 -24.47 7.35
C ALA A 196 9.15 -23.66 8.66
N ILE A 197 9.36 -24.28 9.83
CA ILE A 197 8.96 -23.59 11.06
C ILE A 197 9.99 -22.56 11.50
N ARG A 198 11.22 -22.62 10.97
CA ARG A 198 12.21 -21.58 11.24
C ARG A 198 12.03 -20.42 10.27
N GLY A 199 10.97 -19.63 10.51
CA GLY A 199 10.72 -18.50 9.65
C GLY A 199 9.28 -18.39 9.17
N ALA A 200 8.66 -19.52 8.85
CA ALA A 200 7.29 -19.50 8.35
C ALA A 200 6.35 -20.30 9.25
N GLY A 201 6.72 -20.48 10.52
CA GLY A 201 6.03 -21.40 11.41
C GLY A 201 4.67 -20.94 11.90
N ALA A 202 4.39 -19.65 11.84
CA ALA A 202 3.13 -19.16 12.40
C ALA A 202 1.93 -19.82 11.72
N THR A 203 1.15 -20.57 12.52
CA THR A 203 -0.15 -21.18 12.18
C THR A 203 -0.13 -22.18 11.04
N SER A 204 0.65 -21.92 9.99
CA SER A 204 0.42 -22.55 8.70
C SER A 204 0.60 -24.06 8.74
N TYR A 205 1.46 -24.59 9.64
CA TYR A 205 1.74 -26.02 9.63
C TYR A 205 1.23 -26.73 10.86
N GLY A 206 0.50 -26.06 11.73
CA GLY A 206 -0.08 -26.65 12.91
C GLY A 206 0.31 -25.91 14.15
N ILE A 207 -0.02 -26.50 15.30
CA ILE A 207 0.12 -25.86 16.61
C ILE A 207 1.37 -26.39 17.30
N VAL A 208 2.41 -25.57 17.35
CA VAL A 208 3.63 -25.90 18.10
C VAL A 208 3.30 -25.92 19.59
N THR A 209 3.72 -27.00 20.27
CA THR A 209 3.50 -27.13 21.71
C THR A 209 4.75 -26.86 22.53
N GLN A 210 5.94 -27.18 22.03
CA GLN A 210 7.14 -26.83 22.77
C GLN A 210 8.32 -26.67 21.83
N PHE A 211 9.28 -25.87 22.28
CA PHE A 211 10.52 -25.63 21.56
C PHE A 211 11.68 -26.20 22.37
N THR A 212 12.73 -26.60 21.66
CA THR A 212 14.01 -26.89 22.28
C THR A 212 14.99 -25.91 21.68
N PHE A 213 15.54 -25.01 22.52
CA PHE A 213 16.38 -23.91 22.09
C PHE A 213 17.84 -24.18 22.38
N ARG A 214 18.71 -23.75 21.47
CA ARG A 214 20.13 -23.62 21.75
C ARG A 214 20.30 -22.34 22.57
N VAL A 215 20.88 -22.43 23.77
CA VAL A 215 21.01 -21.29 24.67
C VAL A 215 22.47 -20.83 24.72
N HIS A 216 22.69 -19.64 25.31
CA HIS A 216 23.97 -18.94 25.25
C HIS A 216 24.38 -18.36 26.60
N ASP A 217 25.68 -18.43 26.89
CA ASP A 217 26.22 -17.95 28.16
C ASP A 217 26.29 -16.43 28.20
N VAL A 218 25.63 -15.82 29.18
CA VAL A 218 25.69 -14.37 29.38
C VAL A 218 26.05 -14.08 30.83
N SER A 219 26.95 -14.88 31.40
CA SER A 219 27.32 -14.71 32.81
C SER A 219 28.23 -13.52 33.01
N ALA A 220 28.97 -13.13 31.96
CA ALA A 220 29.86 -11.98 32.04
C ALA A 220 29.06 -10.68 32.05
N PRO A 221 29.71 -9.57 32.42
CA PRO A 221 29.03 -8.28 32.36
C PRO A 221 28.86 -7.80 30.93
N VAL A 222 27.81 -7.01 30.71
CA VAL A 222 27.51 -6.41 29.41
C VAL A 222 27.39 -4.90 29.59
N THR A 223 27.35 -4.18 28.48
CA THR A 223 27.23 -2.73 28.54
C THR A 223 26.09 -2.26 27.65
N HIS A 224 25.20 -1.47 28.24
CA HIS A 224 24.11 -0.85 27.54
C HIS A 224 24.52 0.58 27.18
N PHE A 225 24.12 1.05 26.00
CA PHE A 225 24.40 2.43 25.62
C PHE A 225 23.23 3.00 24.83
N LYS A 226 23.03 4.29 24.97
CA LYS A 226 21.98 4.96 24.22
C LYS A 226 22.37 6.44 24.08
N TYR A 227 22.44 6.90 22.84
CA TYR A 227 22.68 8.30 22.53
C TYR A 227 21.43 8.85 21.87
N ARG A 228 20.96 10.00 22.36
CA ARG A 228 19.61 10.49 22.12
C ARG A 228 19.63 11.99 21.81
N TRP A 229 18.80 12.41 20.86
CA TRP A 229 18.65 13.82 20.53
C TRP A 229 17.17 14.18 20.47
N ASN A 230 16.90 15.49 20.43
CA ASN A 230 15.54 15.98 20.33
C ASN A 230 15.64 17.26 19.51
N ASP A 231 15.76 17.08 18.20
CA ASP A 231 16.08 18.18 17.30
C ASP A 231 15.74 17.68 15.90
N LYS A 232 14.73 18.30 15.26
CA LYS A 232 14.35 17.90 13.91
C LYS A 232 15.49 18.11 12.91
N ALA A 233 16.39 19.05 13.18
CA ALA A 233 17.41 19.42 12.21
C ALA A 233 18.56 18.44 12.12
N VAL A 234 18.79 17.58 13.12
CA VAL A 234 19.94 16.69 13.10
C VAL A 234 19.57 15.27 12.63
N LEU A 235 18.34 15.06 12.14
CA LEU A 235 17.89 13.71 11.77
C LEU A 235 18.69 13.13 10.60
N PHE A 236 18.89 13.91 9.52
CA PHE A 236 19.73 13.41 8.44
C PHE A 236 21.14 13.08 8.94
N LYS A 237 21.76 14.00 9.67
CA LYS A 237 23.14 13.77 10.11
C LYS A 237 23.23 12.52 10.98
N ASN A 238 22.36 12.42 12.00
CA ASN A 238 22.41 11.28 12.90
C ASN A 238 22.12 9.97 12.18
N PHE A 239 21.19 9.99 11.21
CA PHE A 239 20.92 8.74 10.51
C PHE A 239 22.05 8.38 9.55
N LYS A 240 22.64 9.35 8.87
CA LYS A 240 23.75 8.99 7.99
C LYS A 240 24.92 8.42 8.80
N SER A 241 25.14 8.96 10.00
CA SER A 241 26.24 8.43 10.81
C SER A 241 25.96 7.00 11.29
N PHE A 242 24.68 6.69 11.52
CA PHE A 242 24.28 5.34 11.92
C PHE A 242 24.58 4.33 10.81
N GLN A 243 24.15 4.65 9.58
CA GLN A 243 24.47 3.82 8.41
C GLN A 243 25.97 3.61 8.26
N SER A 244 26.75 4.71 8.23
CA SER A 244 28.19 4.58 8.06
C SER A 244 28.78 3.71 9.14
N TRP A 245 28.37 3.94 10.39
CA TRP A 245 28.83 3.13 11.50
C TRP A 245 28.32 1.70 11.37
N GLY A 246 27.04 1.52 11.03
CA GLY A 246 26.46 0.20 10.96
C GLY A 246 27.26 -0.80 10.15
N LEU A 247 27.94 -0.34 9.10
CA LEU A 247 28.62 -1.25 8.19
C LEU A 247 29.80 -1.97 8.82
N ASN A 248 30.28 -1.53 9.99
CA ASN A 248 31.51 -2.08 10.57
C ASN A 248 31.35 -2.48 12.03
N VAL A 249 30.12 -2.63 12.51
CA VAL A 249 29.94 -3.02 13.91
C VAL A 249 30.21 -4.51 14.07
N PRO A 250 31.14 -4.89 14.97
CA PRO A 250 31.41 -6.31 15.21
C PRO A 250 30.28 -6.97 15.97
N ALA A 251 30.30 -8.31 15.94
CA ALA A 251 29.15 -9.10 16.40
C ALA A 251 28.80 -8.86 17.87
N GLU A 252 29.74 -8.35 18.67
CA GLU A 252 29.50 -8.15 20.09
C GLU A 252 28.55 -6.99 20.38
N ILE A 253 28.22 -6.17 19.38
CA ILE A 253 27.19 -5.14 19.52
C ILE A 253 25.99 -5.49 18.64
N SER A 254 24.79 -5.32 19.20
CA SER A 254 23.54 -5.28 18.47
C SER A 254 22.89 -3.96 18.82
N ALA A 255 22.39 -3.24 17.83
CA ALA A 255 21.93 -1.89 18.06
C ALA A 255 20.75 -1.62 17.16
N ALA A 256 19.95 -0.66 17.55
CA ALA A 256 18.81 -0.27 16.76
C ALA A 256 18.71 1.24 16.81
N PHE A 257 18.30 1.85 15.71
CA PHE A 257 18.17 3.30 15.64
C PHE A 257 16.69 3.66 15.68
N TYR A 258 16.38 4.82 16.26
CA TYR A 258 15.00 5.23 16.43
C TYR A 258 14.81 6.66 15.97
N MET A 259 13.64 6.93 15.41
CA MET A 259 13.35 8.23 14.84
C MET A 259 11.83 8.41 14.84
N ASP A 260 11.35 9.62 15.09
CA ASP A 260 9.92 9.84 15.03
C ASP A 260 9.66 11.28 14.58
N PRO A 261 8.42 11.62 14.20
CA PRO A 261 8.17 12.94 13.60
C PRO A 261 8.26 14.10 14.56
N SER A 262 8.23 13.86 15.87
CA SER A 262 8.42 14.94 16.84
C SER A 262 9.86 15.46 16.87
N GLY A 263 10.82 14.73 16.28
CA GLY A 263 12.20 15.14 16.23
C GLY A 263 13.15 14.27 17.03
N VAL A 264 12.61 13.37 17.87
CA VAL A 264 13.47 12.47 18.65
C VAL A 264 14.25 11.55 17.71
N SER A 265 15.54 11.37 18.00
CA SER A 265 16.35 10.35 17.34
C SER A 265 17.30 9.76 18.37
N TRP A 266 17.56 8.46 18.26
CA TRP A 266 18.53 7.87 19.17
C TRP A 266 19.16 6.64 18.56
N LEU A 267 20.30 6.24 19.13
CA LEU A 267 20.91 4.96 18.86
C LEU A 267 20.92 4.24 20.18
N GLU A 268 20.41 3.02 20.20
CA GLU A 268 20.38 2.21 21.41
C GLU A 268 21.05 0.88 21.10
N GLY A 269 21.89 0.40 22.02
CA GLY A 269 22.53 -0.88 21.79
C GLY A 269 23.06 -1.55 23.03
N THR A 270 23.56 -2.76 22.81
CA THR A 270 24.05 -3.64 23.85
C THR A 270 25.36 -4.22 23.36
N TYR A 271 26.43 -3.94 24.10
CA TYR A 271 27.75 -4.50 23.87
C TYR A 271 27.97 -5.66 24.82
N LEU A 272 28.32 -6.82 24.28
CA LEU A 272 28.68 -8.00 25.09
C LEU A 272 30.16 -7.91 25.48
N GLY A 273 30.43 -7.15 26.54
CA GLY A 273 31.79 -6.79 26.88
C GLY A 273 31.78 -5.71 27.93
N LYS A 274 32.97 -5.43 28.47
CA LYS A 274 33.12 -4.47 29.56
C LYS A 274 33.01 -3.04 29.06
N LYS A 275 32.41 -2.18 29.89
CA LYS A 275 32.13 -0.79 29.50
C LYS A 275 33.39 -0.02 29.14
N THR A 276 34.53 -0.33 29.76
CA THR A 276 35.78 0.38 29.44
C THR A 276 36.34 0.01 28.07
N SER A 277 35.81 -1.04 27.42
CA SER A 277 36.14 -1.39 26.03
C SER A 277 35.19 -0.76 25.00
N LEU A 278 34.18 -0.01 25.44
CA LEU A 278 33.11 0.38 24.52
C LEU A 278 33.52 1.50 23.58
N LEU A 279 34.18 2.54 24.07
CA LEU A 279 34.37 3.76 23.28
C LEU A 279 35.01 3.55 21.92
N PRO A 280 36.01 2.69 21.73
CA PRO A 280 36.54 2.55 20.36
C PRO A 280 35.51 2.04 19.40
N LEU A 281 34.51 1.31 19.92
CA LEU A 281 33.50 0.64 19.09
C LEU A 281 32.34 1.54 18.71
N VAL A 282 32.11 2.64 19.43
CA VAL A 282 31.07 3.61 19.08
C VAL A 282 31.67 4.98 18.74
N LYS A 283 32.98 5.08 18.64
CA LYS A 283 33.62 6.37 18.40
C LYS A 283 33.21 6.97 17.04
N THR A 284 33.20 6.16 15.96
CA THR A 284 32.93 6.70 14.63
C THR A 284 31.49 7.12 14.47
N PHE A 285 30.58 6.49 15.24
CA PHE A 285 29.18 6.93 15.17
C PHE A 285 29.02 8.31 15.77
N LEU A 286 29.63 8.53 16.95
CA LEU A 286 29.48 9.79 17.68
C LEU A 286 30.18 10.92 16.94
N ALA A 287 31.29 10.62 16.27
CA ALA A 287 32.04 11.66 15.59
C ALA A 287 31.24 12.24 14.43
N SER A 288 30.49 11.43 13.72
CA SER A 288 29.75 11.93 12.57
C SER A 288 28.31 12.29 12.89
N ALA A 289 27.82 11.88 14.05
CA ALA A 289 26.52 12.32 14.53
C ALA A 289 26.58 13.78 14.98
N ALA A 290 25.41 14.36 15.23
CA ALA A 290 25.36 15.72 15.72
C ALA A 290 26.01 15.81 17.10
N PRO A 291 26.41 17.01 17.51
CA PRO A 291 27.03 17.16 18.82
C PRO A 291 25.99 17.05 19.94
N ASN A 292 26.51 16.93 21.16
CA ASN A 292 25.76 16.99 22.41
C ASN A 292 24.68 15.92 22.55
N PRO A 293 24.96 14.67 22.22
CA PRO A 293 23.99 13.63 22.50
C PRO A 293 23.81 13.42 24.01
N THR A 294 22.56 13.27 24.42
CA THR A 294 22.26 12.69 25.71
C THR A 294 22.97 11.35 25.80
N ARG A 295 23.93 11.26 26.72
CA ARG A 295 24.86 10.13 26.80
C ARG A 295 24.52 9.27 28.01
N VAL A 296 24.19 7.99 27.78
CA VAL A 296 23.94 7.05 28.87
C VAL A 296 24.65 5.73 28.55
N GLU A 297 25.73 5.44 29.27
CA GLU A 297 26.46 4.19 29.14
C GLU A 297 26.53 3.56 30.52
N GLU A 298 26.20 2.27 30.62
CA GLU A 298 26.04 1.59 31.91
C GLU A 298 26.45 0.13 31.81
N GLU A 299 27.22 -0.35 32.78
CA GLU A 299 27.56 -1.77 32.84
C GLU A 299 26.56 -2.51 33.72
N LEU A 300 26.21 -3.74 33.31
CA LEU A 300 25.05 -4.45 33.82
C LEU A 300 25.28 -5.94 33.70
N ASN A 301 24.49 -6.73 34.46
CA ASN A 301 24.36 -8.14 34.14
C ASN A 301 23.15 -8.36 33.24
N TRP A 302 22.97 -9.60 32.79
CA TRP A 302 22.06 -9.82 31.67
C TRP A 302 20.62 -9.47 32.05
N ILE A 303 20.17 -9.91 33.23
CA ILE A 303 18.78 -9.64 33.61
C ILE A 303 18.58 -8.14 33.83
N GLN A 304 19.61 -7.43 34.29
CA GLN A 304 19.48 -5.98 34.39
C GLN A 304 19.31 -5.34 33.03
N LEU A 305 20.07 -5.83 32.05
CA LEU A 305 19.98 -5.30 30.69
C LEU A 305 18.57 -5.47 30.11
N ILE A 306 17.98 -6.67 30.27
CA ILE A 306 16.60 -6.90 29.85
C ILE A 306 15.67 -5.84 30.46
N LEU A 307 15.90 -5.47 31.72
CA LEU A 307 15.05 -4.46 32.34
C LEU A 307 15.34 -3.08 31.78
N VAL A 308 16.61 -2.73 31.62
CA VAL A 308 16.92 -1.41 31.09
C VAL A 308 16.34 -1.24 29.69
N ASN A 309 16.36 -2.31 28.90
CA ASN A 309 15.93 -2.30 27.50
C ASN A 309 14.45 -2.13 27.38
N TRP A 310 13.73 -2.16 28.50
CA TRP A 310 12.30 -1.91 28.50
C TRP A 310 11.96 -0.74 29.41
N ASN A 311 12.90 0.18 29.59
CA ASN A 311 12.71 1.39 30.40
C ASN A 311 12.50 1.12 31.89
N TYR A 312 13.04 0.01 32.44
CA TYR A 312 13.03 -0.10 33.89
C TYR A 312 14.40 0.23 34.42
N PRO A 313 14.53 0.95 35.52
CA PRO A 313 15.86 1.27 36.04
C PRO A 313 16.60 0.01 36.50
N SER A 314 17.94 0.06 36.42
CA SER A 314 18.74 -1.15 36.61
C SER A 314 18.61 -1.73 38.02
N ASN A 315 18.19 -0.92 38.98
CA ASN A 315 17.93 -1.40 40.34
C ASN A 315 16.59 -2.11 40.48
N THR A 316 15.80 -2.22 39.40
CA THR A 316 14.49 -2.85 39.51
C THR A 316 14.61 -4.32 39.91
N ASN A 317 13.67 -4.80 40.71
CA ASN A 317 13.66 -6.21 41.11
C ASN A 317 13.49 -7.12 39.90
N PRO A 318 14.42 -8.05 39.63
CA PRO A 318 14.25 -8.94 38.47
C PRO A 318 12.89 -9.60 38.39
N ASN A 319 12.22 -9.86 39.51
CA ASN A 319 10.91 -10.50 39.46
C ASN A 319 9.87 -9.64 38.77
N GLN A 320 10.18 -8.39 38.47
CA GLN A 320 9.29 -7.57 37.65
C GLN A 320 9.02 -8.25 36.31
N LEU A 321 9.98 -9.02 35.80
CA LEU A 321 9.82 -9.64 34.48
C LEU A 321 8.67 -10.64 34.45
N ASN A 322 8.28 -11.21 35.59
CA ASN A 322 7.15 -12.11 35.66
C ASN A 322 5.80 -11.40 35.56
N ASN A 323 5.79 -10.06 35.65
CA ASN A 323 4.55 -9.29 35.75
C ASN A 323 4.73 -7.96 35.04
N VAL A 324 5.15 -7.98 33.78
CA VAL A 324 5.18 -6.72 33.05
C VAL A 324 3.78 -6.43 32.53
N PRO A 325 3.27 -5.23 32.72
CA PRO A 325 1.87 -4.94 32.32
C PRO A 325 1.69 -5.05 30.81
N PHE A 326 0.60 -5.71 30.41
CA PHE A 326 0.25 -5.84 28.99
C PHE A 326 -0.42 -4.55 28.51
N THR A 327 0.22 -3.86 27.58
CA THR A 327 -0.35 -2.64 27.04
C THR A 327 -0.88 -2.90 25.63
N THR A 328 -1.70 -1.97 25.15
CA THR A 328 -2.32 -2.12 23.84
C THR A 328 -2.09 -0.86 23.02
N ASN A 329 -2.23 -1.00 21.71
CA ASN A 329 -2.21 0.14 20.81
C ASN A 329 -3.25 -0.10 19.71
N THR A 330 -3.48 0.91 18.89
CA THR A 330 -4.28 0.77 17.68
C THR A 330 -3.49 1.39 16.54
N PHE A 331 -3.02 0.55 15.60
CA PHE A 331 -2.02 1.00 14.65
C PHE A 331 -2.04 0.17 13.37
N LYS A 332 -1.43 0.73 12.33
CA LYS A 332 -1.01 0.02 11.13
C LYS A 332 0.51 0.03 11.09
N ALA A 333 1.13 -1.13 10.77
CA ALA A 333 2.59 -1.27 10.79
C ALA A 333 3.09 -1.85 9.47
N LYS A 334 4.22 -1.33 8.98
CA LYS A 334 4.86 -1.90 7.79
C LYS A 334 6.36 -2.02 8.04
N SER A 335 7.02 -2.89 7.27
CA SER A 335 8.46 -3.09 7.38
C SER A 335 9.10 -3.19 6.00
N ILE A 336 10.43 -3.09 5.97
CA ILE A 336 11.17 -3.21 4.73
C ILE A 336 12.60 -3.51 5.12
N TYR A 337 13.38 -4.08 4.21
CA TYR A 337 14.80 -4.30 4.41
C TYR A 337 15.61 -3.38 3.51
N VAL A 338 16.81 -3.01 3.97
CA VAL A 338 17.72 -2.13 3.25
C VAL A 338 19.07 -2.82 3.16
N ASN A 339 19.59 -2.97 1.96
CA ASN A 339 20.88 -3.62 1.78
C ASN A 339 21.99 -2.61 1.95
N GLY A 340 23.20 -3.12 2.16
CA GLY A 340 24.36 -2.24 2.37
C GLY A 340 24.64 -1.66 1.01
N PRO A 341 25.16 -0.41 0.96
CA PRO A 341 25.63 0.39 2.09
C PRO A 341 24.56 1.23 2.76
N GLY A 342 23.32 1.01 2.38
CA GLY A 342 22.22 1.72 2.99
C GLY A 342 21.44 2.52 1.98
N LEU A 343 20.64 3.44 2.50
CA LEU A 343 19.96 4.39 1.65
C LEU A 343 20.96 5.45 1.20
N SER A 344 20.87 5.82 -0.08
CA SER A 344 21.59 6.96 -0.63
C SER A 344 21.29 8.21 0.20
N ASP A 345 22.06 9.26 -0.05
CA ASP A 345 21.76 10.51 0.64
C ASP A 345 20.40 11.05 0.24
N ALA A 346 20.01 10.87 -1.03
CA ALA A 346 18.67 11.29 -1.46
C ALA A 346 17.59 10.46 -0.76
N GLY A 347 17.78 9.13 -0.70
CA GLY A 347 16.85 8.27 0.04
C GLY A 347 16.66 8.67 1.49
N ILE A 348 17.75 9.00 2.19
CA ILE A 348 17.59 9.44 3.58
C ILE A 348 16.69 10.68 3.65
N ASN A 349 16.93 11.67 2.78
CA ASN A 349 16.09 12.87 2.78
C ASN A 349 14.64 12.52 2.46
N ALA A 350 14.43 11.74 1.40
CA ALA A 350 13.08 11.34 1.03
C ALA A 350 12.37 10.68 2.19
N MET A 351 13.07 9.78 2.88
CA MET A 351 12.53 9.11 4.06
C MET A 351 12.14 10.11 5.15
N ILE A 352 13.07 10.97 5.56
CA ILE A 352 12.78 11.92 6.65
C ILE A 352 11.67 12.87 6.25
N ASN A 353 11.64 13.31 4.99
CA ASN A 353 10.56 14.17 4.54
C ASN A 353 9.21 13.46 4.62
N ALA A 354 9.15 12.22 4.11
CA ALA A 354 7.90 11.46 4.18
C ALA A 354 7.41 11.37 5.61
N MET A 355 8.30 10.98 6.51
CA MET A 355 8.01 10.92 7.94
C MET A 355 7.42 12.23 8.46
N ASN A 356 7.96 13.38 8.03
CA ASN A 356 7.58 14.65 8.63
C ASN A 356 6.24 15.18 8.11
N THR A 357 5.64 14.54 7.10
CA THR A 357 4.28 14.90 6.69
C THR A 357 3.20 14.37 7.63
N GLY A 358 3.58 13.74 8.73
CA GLY A 358 2.61 13.10 9.61
C GLY A 358 2.97 13.23 11.07
N SER A 359 2.23 12.54 11.93
CA SER A 359 2.52 12.57 13.35
C SER A 359 2.00 11.30 13.99
N ASN A 360 2.26 11.15 15.27
CA ASN A 360 1.87 9.95 16.01
C ASN A 360 2.27 8.68 15.26
N ALA A 361 3.60 8.54 15.06
CA ALA A 361 4.20 7.39 14.40
C ALA A 361 5.64 7.25 14.92
N TYR A 362 6.26 6.10 14.64
CA TYR A 362 7.65 5.90 15.02
C TYR A 362 8.33 4.90 14.09
N PHE A 363 9.66 4.94 14.04
CA PHE A 363 10.44 4.19 13.07
C PHE A 363 11.71 3.66 13.71
N ILE A 364 11.88 2.34 13.69
CA ILE A 364 12.98 1.65 14.36
C ILE A 364 13.78 0.85 13.33
N TYR A 365 15.11 0.93 13.44
CA TYR A 365 16.02 0.33 12.45
C TYR A 365 16.93 -0.68 13.13
N ASP A 366 16.58 -1.98 13.08
CA ASP A 366 17.41 -3.03 13.67
C ASP A 366 18.59 -3.37 12.78
N LEU A 367 19.80 -3.32 13.34
CA LEU A 367 21.02 -3.56 12.56
C LEU A 367 21.22 -5.06 12.30
N TYR A 368 21.43 -5.42 11.03
CA TYR A 368 21.78 -6.79 10.68
C TYR A 368 23.26 -6.75 10.32
N GLY A 369 23.62 -6.71 9.04
CA GLY A 369 24.99 -6.47 8.66
C GLY A 369 25.77 -7.75 8.45
N SER A 370 26.91 -7.61 7.76
CA SER A 370 27.69 -8.76 7.34
C SER A 370 28.47 -9.42 8.47
N GLN A 371 28.80 -8.69 9.54
CA GLN A 371 29.44 -9.26 10.72
C GLN A 371 28.47 -10.05 11.59
N SER A 372 27.18 -9.90 11.37
CA SER A 372 26.23 -10.51 12.29
C SER A 372 26.11 -12.01 12.05
N ALA A 373 25.92 -12.74 13.15
CA ALA A 373 25.51 -14.13 13.05
C ALA A 373 24.33 -14.32 12.10
N ILE A 374 23.42 -13.35 12.03
CA ILE A 374 22.21 -13.50 11.24
C ILE A 374 22.57 -13.69 9.76
N ASN A 375 23.39 -12.78 9.23
CA ASN A 375 23.82 -12.81 7.84
C ASN A 375 24.86 -13.88 7.55
N LYS A 376 25.34 -14.58 8.57
CA LYS A 376 26.43 -15.54 8.39
C LYS A 376 25.93 -16.97 8.22
N VAL A 377 24.65 -17.22 8.53
CA VAL A 377 23.95 -18.44 8.14
C VAL A 377 24.18 -18.72 6.65
N VAL A 378 24.25 -20.00 6.27
CA VAL A 378 24.24 -20.37 4.84
C VAL A 378 22.83 -20.17 4.28
N PRO A 379 22.66 -19.44 3.18
CA PRO A 379 21.31 -19.20 2.67
C PRO A 379 20.66 -20.48 2.15
N GLY A 380 19.35 -20.53 2.28
CA GLY A 380 18.65 -21.69 1.79
C GLY A 380 18.57 -22.84 2.75
N GLU A 381 18.88 -22.63 4.03
CA GLU A 381 18.72 -23.66 5.03
C GLU A 381 17.60 -23.38 6.02
N THR A 382 17.00 -22.19 5.98
CA THR A 382 15.81 -21.88 6.77
C THR A 382 14.78 -21.19 5.91
N ALA A 383 13.55 -21.14 6.43
CA ALA A 383 12.51 -20.31 5.84
C ALA A 383 12.76 -18.82 6.05
N PHE A 384 13.63 -18.43 6.99
CA PHE A 384 13.97 -17.03 7.12
C PHE A 384 15.04 -16.68 6.10
N ILE A 385 14.71 -15.81 5.14
CA ILE A 385 15.56 -15.59 3.97
C ILE A 385 16.40 -14.33 4.04
N HIS A 386 16.17 -13.44 5.01
CA HIS A 386 16.74 -12.07 5.01
C HIS A 386 18.13 -12.05 5.65
N ARG A 387 19.07 -12.64 4.90
CA ARG A 387 20.41 -12.86 5.40
C ARG A 387 21.44 -11.97 4.72
N ASN A 388 21.03 -10.84 4.12
CA ASN A 388 21.99 -10.03 3.37
C ASN A 388 21.65 -8.53 3.40
N SER A 389 20.91 -8.08 4.40
CA SER A 389 20.58 -6.68 4.56
C SER A 389 21.56 -6.01 5.54
N LEU A 390 21.56 -4.68 5.50
CA LEU A 390 22.21 -3.93 6.56
C LEU A 390 21.28 -3.77 7.74
N TYR A 391 20.01 -3.43 7.49
CA TYR A 391 19.07 -3.27 8.58
C TYR A 391 17.64 -3.39 8.05
N SER A 392 16.70 -3.46 8.99
CA SER A 392 15.27 -3.55 8.72
C SER A 392 14.61 -2.31 9.31
N ILE A 393 13.58 -1.81 8.63
CA ILE A 393 12.84 -0.63 9.08
C ILE A 393 11.47 -1.07 9.56
N GLN A 394 11.16 -0.83 10.83
CA GLN A 394 9.82 -1.01 11.36
C GLN A 394 9.10 0.32 11.33
N MET A 395 7.92 0.36 10.69
CA MET A 395 7.16 1.58 10.47
C MET A 395 5.78 1.44 11.10
N VAL A 396 5.50 2.26 12.12
CA VAL A 396 4.29 2.13 12.92
C VAL A 396 3.59 3.48 12.99
N ALA A 397 2.31 3.54 12.58
CA ALA A 397 1.47 4.73 12.69
C ALA A 397 0.26 4.42 13.54
N SER A 398 0.00 5.26 14.56
CA SER A 398 -0.97 4.94 15.60
C SER A 398 -2.11 5.95 15.60
N TRP A 399 -3.19 5.57 16.27
CA TRP A 399 -4.28 6.49 16.48
C TRP A 399 -5.04 6.03 17.71
N SER A 400 -5.67 6.99 18.38
CA SER A 400 -6.58 6.71 19.49
C SER A 400 -8.04 6.94 19.12
N ASN A 401 -8.30 7.61 17.99
CA ASN A 401 -9.64 7.93 17.54
C ASN A 401 -9.82 7.36 16.13
N ASP A 402 -10.88 6.57 15.94
CA ASP A 402 -11.07 5.86 14.68
C ASP A 402 -11.17 6.81 13.48
N ASN A 403 -11.48 8.08 13.69
CA ASN A 403 -11.51 9.03 12.56
C ASN A 403 -10.15 9.18 11.87
N ASN A 404 -9.04 8.92 12.56
CA ASN A 404 -7.73 9.07 11.93
C ASN A 404 -7.19 7.79 11.32
N ALA A 405 -7.95 6.69 11.34
CA ALA A 405 -7.40 5.43 10.87
C ALA A 405 -7.08 5.47 9.38
N VAL A 406 -7.90 6.17 8.57
CA VAL A 406 -7.57 6.22 7.15
C VAL A 406 -6.35 7.13 6.90
N THR A 407 -6.28 8.28 7.58
CA THR A 407 -5.18 9.19 7.29
C THR A 407 -3.85 8.57 7.71
N GLN A 408 -3.84 7.89 8.87
CA GLN A 408 -2.64 7.24 9.41
C GLN A 408 -2.23 6.03 8.59
N THR A 409 -3.21 5.28 8.08
CA THR A 409 -2.88 4.15 7.23
C THR A 409 -2.33 4.60 5.88
N SER A 410 -2.90 5.67 5.30
CA SER A 410 -2.32 6.21 4.07
C SER A 410 -0.96 6.81 4.33
N TYR A 411 -0.79 7.50 5.47
CA TYR A 411 0.49 8.07 5.82
C TYR A 411 1.60 7.02 5.84
N ILE A 412 1.39 5.93 6.58
CA ILE A 412 2.44 4.95 6.72
C ILE A 412 2.66 4.18 5.42
N THR A 413 1.60 3.97 4.62
CA THR A 413 1.76 3.29 3.34
C THR A 413 2.48 4.18 2.33
N ARG A 414 2.20 5.49 2.31
CA ARG A 414 2.99 6.39 1.48
C ARG A 414 4.45 6.32 1.87
N TYR A 415 4.72 6.38 3.18
CA TYR A 415 6.09 6.32 3.67
C TYR A 415 6.80 5.09 3.12
N TRP A 416 6.19 3.92 3.27
CA TRP A 416 6.73 2.68 2.72
C TRP A 416 7.01 2.79 1.22
N LYS A 417 6.12 3.38 0.44
CA LYS A 417 6.39 3.50 -0.99
C LYS A 417 7.56 4.43 -1.28
N VAL A 418 7.66 5.55 -0.56
CA VAL A 418 8.81 6.45 -0.71
C VAL A 418 10.12 5.71 -0.51
N VAL A 419 10.23 5.01 0.63
CA VAL A 419 11.46 4.29 0.93
C VAL A 419 11.71 3.17 -0.06
N ARG A 420 10.65 2.53 -0.58
CA ARG A 420 10.80 1.38 -1.47
C ARG A 420 11.67 1.69 -2.69
N THR A 421 11.58 2.92 -3.19
CA THR A 421 12.41 3.36 -4.31
C THR A 421 13.90 3.18 -4.00
N TYR A 422 14.28 3.35 -2.74
CA TYR A 422 15.67 3.36 -2.35
C TYR A 422 16.13 2.09 -1.65
N ALA A 423 15.28 1.06 -1.57
CA ALA A 423 15.56 -0.09 -0.74
C ALA A 423 15.11 -1.34 -1.50
N THR A 424 15.01 -2.45 -0.79
CA THR A 424 14.59 -3.72 -1.37
C THR A 424 13.08 -3.84 -1.25
N GLY A 425 12.54 -4.91 -1.83
CA GLY A 425 11.15 -5.21 -1.66
C GLY A 425 10.86 -6.30 -0.65
N GLN A 426 11.84 -6.70 0.14
CA GLN A 426 11.62 -7.71 1.16
C GLN A 426 11.14 -7.02 2.44
N ALA A 427 10.40 -7.75 3.26
CA ALA A 427 9.95 -7.24 4.55
C ALA A 427 10.04 -8.35 5.61
N TYR A 428 9.97 -7.95 6.89
CA TYR A 428 10.16 -8.86 8.02
C TYR A 428 8.83 -9.42 8.50
N GLN A 429 8.67 -10.76 8.51
CA GLN A 429 7.35 -11.34 8.77
C GLN A 429 6.89 -11.20 10.22
N ASN A 430 7.78 -10.88 11.18
CA ASN A 430 7.27 -10.59 12.52
C ASN A 430 6.67 -9.20 12.64
N TYR A 431 6.90 -8.33 11.65
CA TYR A 431 6.14 -7.08 11.50
C TYR A 431 5.08 -7.23 10.41
N ILE A 432 4.28 -8.30 10.59
CA ILE A 432 3.34 -8.79 9.58
C ILE A 432 2.42 -7.67 9.05
N ASP A 433 2.17 -7.72 7.73
CA ASP A 433 1.49 -6.66 6.99
C ASP A 433 0.63 -7.31 5.93
N ARG A 434 -0.69 -7.10 6.02
CA ARG A 434 -1.60 -7.79 5.11
C ARG A 434 -1.44 -7.32 3.67
N ASP A 435 -0.85 -6.16 3.45
CA ASP A 435 -0.61 -5.65 2.11
C ASP A 435 0.77 -6.03 1.57
N MET A 436 1.53 -6.97 2.24
CA MET A 436 2.74 -7.38 1.52
C MET A 436 2.49 -8.67 0.76
N PRO A 437 2.98 -8.81 -0.47
CA PRO A 437 2.91 -10.11 -1.15
C PRO A 437 3.80 -11.13 -0.44
N LEU A 438 3.37 -12.39 -0.45
CA LEU A 438 4.19 -13.41 0.22
C LEU A 438 5.61 -13.50 -0.37
N SER A 439 5.80 -13.21 -1.66
CA SER A 439 7.16 -13.22 -2.20
C SER A 439 8.12 -12.34 -1.39
N ALA A 440 7.60 -11.25 -0.80
CA ALA A 440 8.43 -10.34 -0.01
C ALA A 440 8.82 -10.92 1.34
N TYR A 441 8.09 -11.90 1.83
CA TYR A 441 8.50 -12.51 3.08
C TYR A 441 9.34 -13.74 2.85
N TYR A 442 9.07 -14.49 1.79
CA TYR A 442 9.61 -15.82 1.63
C TYR A 442 10.44 -16.03 0.37
N GLY A 443 10.36 -15.12 -0.62
CA GLY A 443 11.14 -15.19 -1.84
C GLY A 443 11.43 -16.56 -2.44
N SER A 444 12.73 -16.86 -2.60
CA SER A 444 13.22 -18.11 -3.19
C SER A 444 12.78 -19.36 -2.45
N SER A 445 12.32 -19.24 -1.20
CA SER A 445 11.90 -20.42 -0.46
C SER A 445 10.40 -20.66 -0.47
N LEU A 446 9.64 -19.83 -1.18
CA LEU A 446 8.18 -19.96 -1.14
C LEU A 446 7.70 -21.26 -1.78
N SER A 447 8.29 -21.66 -2.93
CA SER A 447 7.93 -22.94 -3.53
C SER A 447 8.06 -24.06 -2.52
N THR A 448 9.21 -24.15 -1.86
CA THR A 448 9.41 -25.20 -0.87
C THR A 448 8.39 -25.12 0.26
N LEU A 449 8.09 -23.92 0.74
CA LEU A 449 7.08 -23.76 1.78
C LEU A 449 5.73 -24.31 1.32
N ILE A 450 5.35 -24.01 0.07
CA ILE A 450 4.03 -24.46 -0.42
C ILE A 450 3.99 -25.97 -0.56
N ALA A 451 5.06 -26.58 -1.06
CA ALA A 451 5.14 -28.03 -1.11
C ALA A 451 4.92 -28.63 0.27
N GLY A 452 5.60 -28.08 1.27
CA GLY A 452 5.43 -28.57 2.63
C GLY A 452 4.02 -28.35 3.16
N LYS A 453 3.39 -27.23 2.76
CA LYS A 453 2.01 -26.97 3.16
C LYS A 453 1.07 -28.05 2.63
N LYS A 454 1.30 -28.49 1.38
CA LYS A 454 0.46 -29.53 0.79
C LYS A 454 0.61 -30.83 1.57
N LYS A 455 1.84 -31.14 1.99
CA LYS A 455 2.11 -32.41 2.66
C LYS A 455 1.47 -32.46 4.05
N TRP A 456 1.57 -31.39 4.84
CA TRP A 456 1.21 -31.42 6.26
C TRP A 456 -0.16 -30.83 6.56
N ASP A 457 -0.86 -30.29 5.57
CA ASP A 457 -2.20 -29.78 5.79
C ASP A 457 -2.93 -29.68 4.45
N PRO A 458 -3.26 -30.82 3.82
CA PRO A 458 -3.81 -30.75 2.45
C PRO A 458 -5.19 -30.12 2.40
N GLN A 459 -5.94 -30.19 3.50
CA GLN A 459 -7.28 -29.64 3.63
C GLN A 459 -7.27 -28.18 4.04
N ASN A 460 -6.09 -27.59 4.24
CA ASN A 460 -5.95 -26.21 4.70
C ASN A 460 -6.73 -25.99 6.01
N VAL A 461 -6.55 -26.89 6.95
CA VAL A 461 -7.24 -26.76 8.23
C VAL A 461 -6.79 -25.49 8.93
N PHE A 462 -5.48 -25.21 8.86
CA PHE A 462 -4.83 -24.08 9.52
C PHE A 462 -4.56 -23.01 8.47
N ASN A 463 -5.37 -21.94 8.49
CA ASN A 463 -5.18 -20.85 7.54
C ASN A 463 -5.46 -19.50 8.19
N PHE A 464 -4.91 -18.47 7.56
CA PHE A 464 -5.23 -17.09 7.91
C PHE A 464 -4.85 -16.25 6.70
N PRO A 465 -5.28 -14.97 6.64
CA PRO A 465 -5.05 -14.18 5.42
C PRO A 465 -3.64 -14.23 4.83
N GLN A 466 -2.63 -14.64 5.59
CA GLN A 466 -1.29 -14.79 5.03
C GLN A 466 -0.65 -16.12 5.41
N SER A 467 -1.47 -17.17 5.55
CA SER A 467 -0.92 -18.51 5.67
C SER A 467 -0.34 -18.98 4.34
N ILE A 468 0.61 -19.91 4.43
CA ILE A 468 1.20 -20.48 3.22
C ILE A 468 0.10 -21.10 2.35
N PRO A 469 0.04 -20.81 1.06
CA PRO A 469 -1.05 -21.33 0.23
C PRO A 469 -0.80 -22.77 -0.20
N LEU A 470 -1.86 -23.36 -0.80
CA LEU A 470 -1.79 -24.72 -1.32
C LEU A 470 -1.46 -24.78 -2.81
N LYS A 471 -1.59 -23.67 -3.52
CA LYS A 471 -1.43 -23.62 -4.97
C LYS A 471 -0.09 -22.98 -5.32
N HIS A 472 0.76 -23.74 -6.03
CA HIS A 472 2.02 -23.19 -6.51
C HIS A 472 1.79 -22.01 -7.45
N HIS A 473 2.76 -21.10 -7.49
CA HIS A 473 2.79 -20.10 -8.55
C HIS A 473 3.22 -20.78 -9.85
N HIS A 474 2.49 -20.49 -10.93
CA HIS A 474 2.71 -21.14 -12.23
C HIS A 474 4.18 -21.04 -12.76
N THR B 12 -24.42 34.33 10.54
CA THR B 12 -25.31 33.88 9.47
C THR B 12 -24.88 32.50 8.95
N THR B 13 -25.88 31.65 8.67
CA THR B 13 -25.63 30.27 8.30
C THR B 13 -25.25 30.14 6.83
N LEU B 14 -24.72 28.95 6.48
CA LEU B 14 -24.35 28.66 5.10
C LEU B 14 -25.53 28.79 4.16
N LYS B 15 -26.73 28.39 4.63
CA LYS B 15 -27.91 28.40 3.76
C LYS B 15 -28.31 29.83 3.39
N GLN B 16 -28.19 30.77 4.33
CA GLN B 16 -28.52 32.17 4.05
C GLN B 16 -27.50 32.79 3.09
N CYS B 17 -26.20 32.54 3.36
CA CYS B 17 -25.15 33.13 2.53
C CYS B 17 -25.24 32.63 1.08
N LEU B 18 -25.47 31.33 0.90
CA LEU B 18 -25.60 30.80 -0.46
C LEU B 18 -26.82 31.40 -1.17
N ALA B 19 -27.87 31.73 -0.40
CA ALA B 19 -29.11 32.27 -0.96
C ALA B 19 -28.90 33.61 -1.67
N LYS B 20 -27.97 34.43 -1.18
CA LYS B 20 -27.70 35.73 -1.80
C LYS B 20 -27.18 35.65 -3.23
N GLY B 21 -26.79 34.47 -3.72
CA GLY B 21 -26.23 34.39 -5.05
C GLY B 21 -27.21 33.82 -6.04
N GLY B 22 -28.27 33.22 -5.51
CA GLY B 22 -29.33 32.73 -6.36
C GLY B 22 -29.09 31.38 -6.99
N ALA B 23 -27.99 30.70 -6.67
CA ALA B 23 -27.74 29.40 -7.25
C ALA B 23 -28.58 28.32 -6.57
N ARG B 24 -29.00 27.33 -7.37
CA ARG B 24 -29.70 26.16 -6.83
C ARG B 24 -28.86 25.48 -5.76
N THR B 25 -29.51 25.06 -4.67
CA THR B 25 -28.78 24.35 -3.62
C THR B 25 -29.45 23.02 -3.33
N ALA B 26 -28.79 22.26 -2.46
CA ALA B 26 -29.33 21.00 -1.96
C ALA B 26 -28.67 20.75 -0.60
N PHE B 27 -29.46 20.73 0.46
CA PHE B 27 -28.98 20.54 1.82
C PHE B 27 -29.46 19.23 2.42
N PRO B 28 -28.74 18.69 3.41
CA PRO B 28 -29.18 17.45 4.06
C PRO B 28 -30.66 17.51 4.45
N GLY B 29 -31.31 16.35 4.36
CA GLY B 29 -32.72 16.21 4.66
C GLY B 29 -33.67 16.31 3.49
N THR B 30 -33.16 16.44 2.27
CA THR B 30 -34.01 16.58 1.10
C THR B 30 -33.67 15.50 0.07
N SER B 31 -34.63 15.19 -0.80
CA SER B 31 -34.37 14.20 -1.82
C SER B 31 -33.32 14.65 -2.84
N GLU B 32 -33.13 15.96 -3.00
CA GLU B 32 -32.13 16.47 -3.94
C GLU B 32 -30.72 16.25 -3.42
N TYR B 33 -30.53 16.37 -2.11
CA TYR B 33 -29.22 16.11 -1.52
C TYR B 33 -28.85 14.65 -1.71
N SER B 34 -29.80 13.75 -1.48
CA SER B 34 -29.52 12.32 -1.66
C SER B 34 -29.15 12.03 -3.12
N THR B 35 -29.79 12.73 -4.07
CA THR B 35 -29.46 12.55 -5.49
C THR B 35 -28.09 13.13 -5.82
N ALA B 36 -27.71 14.20 -5.15
CA ALA B 36 -26.47 14.85 -5.50
C ALA B 36 -25.26 14.03 -5.05
N ARG B 37 -25.43 13.15 -4.04
CA ARG B 37 -24.32 12.35 -3.52
C ARG B 37 -23.84 11.29 -4.50
N LEU B 38 -24.45 11.25 -5.69
CA LEU B 38 -24.05 10.28 -6.69
C LEU B 38 -22.60 10.53 -7.09
N ALA B 39 -21.77 9.49 -6.98
CA ALA B 39 -20.40 9.51 -7.48
C ALA B 39 -20.15 8.21 -8.25
N TYR B 40 -19.08 8.19 -9.05
CA TYR B 40 -18.71 6.93 -9.72
C TYR B 40 -18.23 5.86 -8.72
N ASN B 41 -17.42 6.24 -7.73
CA ASN B 41 -17.03 5.29 -6.70
C ASN B 41 -17.88 5.51 -5.44
N LEU B 42 -18.56 4.46 -4.98
CA LEU B 42 -19.39 4.56 -3.79
C LEU B 42 -18.69 4.03 -2.56
N ARG B 43 -17.37 3.81 -2.65
CA ARG B 43 -16.65 3.26 -1.50
C ARG B 43 -16.73 4.22 -0.30
N GLU B 44 -16.50 5.52 -0.53
CA GLU B 44 -16.48 6.53 0.53
C GLU B 44 -17.67 7.48 0.36
N ARG B 45 -18.75 7.25 1.10
CA ARG B 45 -19.93 8.10 0.97
C ARG B 45 -19.72 9.34 1.82
N TYR B 46 -18.81 10.20 1.35
CA TYR B 46 -18.61 11.48 2.03
C TYR B 46 -19.92 12.28 1.97
N ALA B 47 -20.35 12.78 3.14
CA ALA B 47 -21.59 13.54 3.28
C ALA B 47 -21.32 15.02 3.28
N PRO B 48 -21.49 15.72 2.15
CA PRO B 48 -21.14 17.13 2.12
C PRO B 48 -22.05 17.95 3.01
N SER B 49 -21.59 19.15 3.31
CA SER B 49 -22.37 20.12 4.07
C SER B 49 -23.56 20.59 3.26
N ALA B 50 -23.36 20.81 1.95
CA ALA B 50 -24.40 21.22 1.00
C ALA B 50 -23.85 21.15 -0.41
N PHE B 51 -24.76 21.07 -1.37
CA PHE B 51 -24.40 21.14 -2.78
C PHE B 51 -24.92 22.46 -3.34
N VAL B 52 -24.13 23.12 -4.17
CA VAL B 52 -24.55 24.32 -4.87
C VAL B 52 -24.22 24.12 -6.34
N PHE B 53 -25.11 24.59 -7.21
CA PHE B 53 -25.03 24.28 -8.64
C PHE B 53 -24.97 25.61 -9.37
N PRO B 54 -23.81 26.29 -9.37
CA PRO B 54 -23.72 27.58 -10.09
C PRO B 54 -24.01 27.45 -11.57
N THR B 55 -24.54 28.54 -12.15
CA THR B 55 -24.69 28.73 -13.58
C THR B 55 -23.98 29.98 -14.11
N THR B 56 -23.48 30.85 -13.22
CA THR B 56 -22.76 32.07 -13.60
C THR B 56 -21.48 32.20 -12.78
N VAL B 57 -20.49 32.89 -13.34
CA VAL B 57 -19.23 33.13 -12.63
C VAL B 57 -19.47 33.87 -11.31
N ALA B 58 -20.54 34.68 -11.22
CA ALA B 58 -20.83 35.34 -9.95
C ALA B 58 -21.26 34.36 -8.87
N GLN B 59 -21.95 33.29 -9.26
CA GLN B 59 -22.42 32.32 -8.28
C GLN B 59 -21.28 31.45 -7.77
N VAL B 60 -20.30 31.14 -8.64
CA VAL B 60 -19.08 30.50 -8.19
C VAL B 60 -18.38 31.36 -7.15
N GLN B 61 -18.30 32.67 -7.41
CA GLN B 61 -17.72 33.60 -6.43
C GLN B 61 -18.51 33.64 -5.13
N ASN B 62 -19.83 33.52 -5.22
CA ASN B 62 -20.65 33.45 -4.02
C ASN B 62 -20.31 32.21 -3.19
N ALA B 63 -20.08 31.08 -3.85
CA ALA B 63 -19.77 29.85 -3.13
C ALA B 63 -18.43 29.96 -2.40
N VAL B 64 -17.40 30.47 -3.07
CA VAL B 64 -16.09 30.62 -2.46
C VAL B 64 -16.18 31.56 -1.27
N PHE B 65 -16.83 32.71 -1.46
CA PHE B 65 -17.03 33.66 -0.37
C PHE B 65 -17.72 33.00 0.81
N CYS B 66 -18.83 32.31 0.54
CA CYS B 66 -19.65 31.76 1.61
C CYS B 66 -18.91 30.65 2.35
N ALA B 67 -18.17 29.82 1.61
CA ALA B 67 -17.41 28.75 2.23
C ALA B 67 -16.34 29.32 3.15
N LYS B 68 -15.70 30.41 2.73
CA LYS B 68 -14.70 31.06 3.58
C LYS B 68 -15.34 31.66 4.83
N GLN B 69 -16.53 32.22 4.70
CA GLN B 69 -17.11 32.97 5.81
C GLN B 69 -17.71 32.05 6.86
N VAL B 70 -18.36 30.96 6.44
CA VAL B 70 -18.94 30.04 7.41
C VAL B 70 -17.88 29.12 8.01
N GLY B 71 -16.84 28.75 7.23
CA GLY B 71 -15.74 27.94 7.73
C GLY B 71 -15.87 26.47 7.36
N VAL B 72 -16.39 26.19 6.17
CA VAL B 72 -16.46 24.83 5.65
C VAL B 72 -15.44 24.70 4.53
N GLY B 73 -15.13 23.46 4.20
CA GLY B 73 -14.31 23.19 3.05
C GLY B 73 -15.09 23.43 1.78
N ILE B 74 -14.38 23.41 0.67
CA ILE B 74 -15.02 23.66 -0.62
C ILE B 74 -14.22 22.97 -1.71
N VAL B 75 -14.89 22.18 -2.53
CA VAL B 75 -14.25 21.55 -3.68
C VAL B 75 -15.18 21.64 -4.88
N PRO B 76 -14.68 21.90 -6.08
CA PRO B 76 -15.52 21.82 -7.27
C PRO B 76 -15.78 20.37 -7.65
N ARG B 77 -16.80 20.17 -8.49
CA ARG B 77 -17.10 18.83 -9.01
C ARG B 77 -17.47 18.91 -10.48
N GLY B 78 -16.92 17.99 -11.26
CA GLY B 78 -17.17 17.94 -12.68
C GLY B 78 -18.06 16.76 -13.02
N GLY B 79 -17.47 15.68 -13.52
CA GLY B 79 -18.22 14.49 -13.85
C GLY B 79 -18.43 13.53 -12.69
N GLY B 80 -17.65 13.69 -11.62
CA GLY B 80 -17.81 12.87 -10.44
C GLY B 80 -17.13 11.52 -10.49
N HIS B 81 -16.09 11.36 -11.31
CA HIS B 81 -15.38 10.11 -11.46
C HIS B 81 -14.13 9.96 -10.57
N SER B 82 -13.87 10.91 -9.66
CA SER B 82 -12.71 10.77 -8.78
C SER B 82 -12.67 9.40 -8.16
N TYR B 83 -11.62 8.64 -8.48
CA TYR B 83 -11.46 7.31 -7.92
C TYR B 83 -11.41 7.31 -6.41
N GLU B 84 -11.05 8.44 -5.78
CA GLU B 84 -11.03 8.53 -4.32
C GLU B 84 -12.14 9.43 -3.77
N ASP B 85 -13.13 9.78 -4.60
CA ASP B 85 -14.29 10.58 -4.16
C ASP B 85 -13.83 11.95 -3.67
N TYR B 86 -12.79 12.49 -4.30
CA TYR B 86 -12.30 13.78 -3.87
C TYR B 86 -13.26 14.90 -4.29
N SER B 87 -14.06 14.68 -5.34
CA SER B 87 -15.09 15.67 -5.69
C SER B 87 -16.27 15.69 -4.73
N LEU B 88 -16.34 14.79 -3.76
CA LEU B 88 -17.22 15.04 -2.63
C LEU B 88 -16.47 15.67 -1.47
N GLY B 89 -15.19 16.00 -1.67
CA GLY B 89 -14.38 16.65 -0.66
C GLY B 89 -13.30 15.81 -0.03
N GLY B 90 -13.32 14.49 -0.20
CA GLY B 90 -12.36 13.64 0.48
C GLY B 90 -12.54 13.63 1.99
N ARG B 91 -13.60 14.30 2.46
CA ARG B 91 -13.97 14.28 3.87
C ARG B 91 -15.37 14.81 4.04
N ASP B 92 -15.99 14.46 5.16
CA ASP B 92 -17.34 14.92 5.43
C ASP B 92 -17.37 16.42 5.62
N GLY B 93 -18.44 17.05 5.16
CA GLY B 93 -18.80 18.39 5.60
C GLY B 93 -18.42 19.52 4.69
N VAL B 94 -17.99 19.23 3.50
CA VAL B 94 -17.54 20.21 2.52
C VAL B 94 -18.72 20.79 1.74
N LEU B 95 -18.56 22.01 1.23
CA LEU B 95 -19.49 22.52 0.24
C LEU B 95 -19.03 22.06 -1.14
N VAL B 96 -19.83 21.23 -1.80
CA VAL B 96 -19.51 20.77 -3.15
C VAL B 96 -20.06 21.77 -4.16
N VAL B 97 -19.21 22.27 -5.05
CA VAL B 97 -19.63 23.28 -6.04
C VAL B 97 -19.79 22.53 -7.37
N ASP B 98 -20.98 21.97 -7.61
CA ASP B 98 -21.17 21.18 -8.83
C ASP B 98 -21.27 22.11 -10.03
N MET B 99 -20.33 22.00 -10.96
CA MET B 99 -20.25 22.89 -12.11
C MET B 99 -21.07 22.45 -13.30
N GLU B 100 -22.17 21.71 -13.11
CA GLU B 100 -22.81 21.13 -14.28
C GLU B 100 -23.57 22.18 -15.10
N GLY B 101 -23.85 23.33 -14.52
CA GLY B 101 -24.46 24.42 -15.27
C GLY B 101 -23.55 25.14 -16.23
N PHE B 102 -22.26 24.82 -16.29
CA PHE B 102 -21.31 25.57 -17.13
C PHE B 102 -21.09 24.79 -18.41
N LYS B 103 -22.05 24.86 -19.33
CA LYS B 103 -21.97 24.07 -20.56
C LYS B 103 -21.79 24.93 -21.81
N GLN B 104 -21.02 26.02 -21.69
CA GLN B 104 -20.78 26.85 -22.87
C GLN B 104 -19.88 26.15 -23.88
N PHE B 105 -20.15 26.43 -25.15
CA PHE B 105 -19.46 25.79 -26.25
C PHE B 105 -19.45 26.70 -27.47
N SER B 106 -18.30 26.75 -28.16
CA SER B 106 -18.13 27.57 -29.36
C SER B 106 -16.86 27.12 -30.07
N TYR B 107 -16.97 26.87 -31.37
CA TYR B 107 -15.87 26.36 -32.20
C TYR B 107 -15.39 27.44 -33.16
N ASN B 108 -14.10 27.74 -33.11
CA ASN B 108 -13.45 28.70 -34.01
C ASN B 108 -12.70 27.87 -35.06
N LYS B 109 -13.31 27.72 -36.25
CA LYS B 109 -12.68 26.89 -37.27
C LYS B 109 -11.33 27.42 -37.74
N ALA B 110 -11.16 28.75 -37.78
CA ALA B 110 -9.91 29.31 -38.32
C ALA B 110 -8.75 29.06 -37.38
N ALA B 111 -8.93 29.33 -36.09
CA ALA B 111 -7.90 29.12 -35.07
C ALA B 111 -7.74 27.66 -34.67
N LYS B 112 -8.65 26.78 -35.09
CA LYS B 112 -8.66 25.37 -34.66
C LYS B 112 -8.68 25.29 -33.13
N THR B 113 -9.58 26.05 -32.51
CA THR B 113 -9.77 26.07 -31.06
C THR B 113 -11.25 25.94 -30.72
N ALA B 114 -11.54 25.64 -29.46
CA ALA B 114 -12.92 25.57 -29.01
C ALA B 114 -12.97 26.00 -27.56
N VAL B 115 -14.11 26.55 -27.15
CA VAL B 115 -14.32 26.99 -25.79
C VAL B 115 -15.27 26.02 -25.12
N VAL B 116 -14.80 25.35 -24.07
CA VAL B 116 -15.58 24.35 -23.37
C VAL B 116 -15.73 24.75 -21.92
N GLY B 117 -16.95 24.59 -21.39
CA GLY B 117 -17.22 24.91 -20.01
C GLY B 117 -16.99 23.70 -19.11
N ALA B 118 -16.59 24.00 -17.87
CA ALA B 118 -16.09 22.97 -16.97
C ALA B 118 -17.16 21.96 -16.58
N GLY B 119 -18.42 22.19 -16.93
CA GLY B 119 -19.46 21.24 -16.61
C GLY B 119 -19.67 20.13 -17.62
N PHE B 120 -18.97 20.21 -18.76
CA PHE B 120 -19.12 19.25 -19.84
C PHE B 120 -18.67 17.85 -19.44
N ARG B 121 -19.39 16.84 -19.91
CA ARG B 121 -18.93 15.45 -19.90
C ARG B 121 -18.36 15.11 -21.29
N LEU B 122 -17.54 14.05 -21.33
CA LEU B 122 -16.86 13.70 -22.57
C LEU B 122 -17.84 13.36 -23.69
N GLY B 123 -18.92 12.65 -23.37
CA GLY B 123 -19.86 12.22 -24.36
C GLY B 123 -20.45 13.36 -25.17
N PRO B 124 -21.25 14.19 -24.52
CA PRO B 124 -21.73 15.43 -25.15
C PRO B 124 -20.64 16.22 -25.88
N LEU B 125 -19.47 16.35 -25.24
CA LEU B 125 -18.42 17.20 -25.81
C LEU B 125 -17.91 16.63 -27.12
N TYR B 126 -17.82 15.31 -27.24
CA TYR B 126 -17.46 14.73 -28.53
C TYR B 126 -18.50 15.12 -29.57
N LEU B 127 -19.77 14.93 -29.21
CA LEU B 127 -20.88 15.21 -30.12
C LEU B 127 -20.87 16.66 -30.56
N ALA B 128 -20.78 17.59 -29.61
CA ALA B 128 -20.73 19.00 -29.95
C ALA B 128 -19.59 19.30 -30.91
N LEU B 129 -18.41 18.72 -30.67
CA LEU B 129 -17.26 19.03 -31.52
C LEU B 129 -17.38 18.35 -32.87
N TRP B 130 -18.06 17.20 -32.93
CA TRP B 130 -18.23 16.52 -34.20
C TRP B 130 -19.23 17.26 -35.10
N ASN B 131 -20.38 17.62 -34.53
CA ASN B 131 -21.37 18.41 -35.28
C ASN B 131 -20.80 19.74 -35.73
N ALA B 132 -20.01 20.41 -34.86
CA ALA B 132 -19.55 21.76 -35.20
C ALA B 132 -18.55 21.76 -36.35
N GLY B 133 -17.65 20.79 -36.41
CA GLY B 133 -16.63 20.90 -37.44
C GLY B 133 -15.86 19.65 -37.78
N LYS B 134 -16.39 18.48 -37.40
CA LYS B 134 -15.66 17.22 -37.51
C LYS B 134 -14.27 17.34 -36.90
N VAL B 135 -14.24 17.80 -35.65
CA VAL B 135 -13.02 17.91 -34.87
C VAL B 135 -13.24 17.25 -33.51
N THR B 136 -12.15 17.08 -32.77
CA THR B 136 -12.22 16.40 -31.48
C THR B 136 -11.03 16.85 -30.64
N ILE B 137 -11.10 16.52 -29.36
CA ILE B 137 -9.95 16.59 -28.46
C ILE B 137 -9.56 15.15 -28.12
N PRO B 138 -8.39 14.89 -27.86
CA PRO B 138 -8.02 13.47 -27.68
C PRO B 138 -8.27 12.99 -26.26
N ALA B 139 -9.52 12.65 -25.96
CA ALA B 139 -9.93 12.35 -24.61
C ALA B 139 -10.25 10.86 -24.45
N GLY B 140 -10.61 10.48 -23.22
CA GLY B 140 -10.85 9.10 -22.88
C GLY B 140 -12.15 8.59 -23.43
N ASN B 141 -12.41 7.31 -23.18
CA ASN B 141 -13.54 6.63 -23.80
C ASN B 141 -14.79 6.61 -22.93
N CYS B 142 -14.73 7.13 -21.70
CA CYS B 142 -15.88 7.04 -20.80
C CYS B 142 -16.76 8.25 -21.03
N PRO B 143 -17.97 8.07 -21.59
CA PRO B 143 -18.77 9.26 -21.97
C PRO B 143 -19.31 10.07 -20.81
N THR B 144 -19.44 9.52 -19.60
CA THR B 144 -19.96 10.31 -18.50
C THR B 144 -18.88 11.05 -17.74
N VAL B 145 -17.63 11.02 -18.22
CA VAL B 145 -16.52 11.64 -17.50
C VAL B 145 -16.51 13.13 -17.75
N GLY B 146 -16.43 13.92 -16.68
CA GLY B 146 -16.38 15.37 -16.85
C GLY B 146 -15.03 15.79 -17.42
N ILE B 147 -15.07 16.77 -18.33
CA ILE B 147 -13.84 17.28 -18.93
C ILE B 147 -12.95 17.92 -17.87
N ALA B 148 -13.55 18.45 -16.80
CA ALA B 148 -12.78 19.22 -15.83
C ALA B 148 -11.65 18.39 -15.19
N GLY B 149 -12.00 17.45 -14.31
CA GLY B 149 -10.96 16.63 -13.69
C GLY B 149 -10.11 15.91 -14.72
N HIS B 150 -10.75 15.43 -15.80
CA HIS B 150 -10.05 14.71 -16.85
C HIS B 150 -8.91 15.55 -17.42
N ALA B 151 -9.20 16.78 -17.84
CA ALA B 151 -8.16 17.60 -18.47
C ALA B 151 -7.15 18.15 -17.47
N LEU B 152 -7.56 18.42 -16.25
CA LEU B 152 -6.62 18.94 -15.25
C LEU B 152 -5.68 17.87 -14.68
N GLY B 153 -5.73 16.65 -15.20
CA GLY B 153 -4.94 15.58 -14.61
C GLY B 153 -4.23 14.79 -15.68
N GLY B 154 -4.45 15.16 -16.94
CA GLY B 154 -3.84 14.43 -18.04
C GLY B 154 -4.82 14.19 -19.16
N GLY B 155 -5.44 13.01 -19.17
CA GLY B 155 -6.39 12.64 -20.18
C GLY B 155 -5.75 11.84 -21.30
N TRP B 156 -5.89 10.52 -21.24
CA TRP B 156 -5.40 9.63 -22.29
C TRP B 156 -6.59 9.04 -23.01
N GLY B 157 -6.53 8.98 -24.34
CA GLY B 157 -7.62 8.45 -25.12
C GLY B 157 -7.07 7.83 -26.39
N PHE B 158 -7.97 7.30 -27.22
CA PHE B 158 -7.56 6.50 -28.39
C PHE B 158 -7.11 7.35 -29.59
N SER B 159 -6.98 8.66 -29.40
CA SER B 159 -6.25 9.51 -30.33
C SER B 159 -5.05 10.19 -29.69
N SER B 160 -4.79 9.92 -28.41
CA SER B 160 -3.79 10.69 -27.66
C SER B 160 -2.38 10.50 -28.22
N ARG B 161 -2.04 9.31 -28.74
CA ARG B 161 -0.68 9.12 -29.26
C ARG B 161 -0.42 9.95 -30.51
N LYS B 162 -1.45 10.40 -31.22
CA LYS B 162 -1.32 11.34 -32.34
C LYS B 162 -1.43 12.80 -31.93
N PHE B 163 -2.46 13.14 -31.14
CA PHE B 163 -2.80 14.53 -30.83
C PHE B 163 -2.44 14.94 -29.41
N GLY B 164 -1.74 14.08 -28.64
CA GLY B 164 -1.33 14.40 -27.28
C GLY B 164 -2.39 14.11 -26.23
N LEU B 165 -2.07 14.48 -24.99
CA LEU B 165 -3.02 14.35 -23.89
C LEU B 165 -3.99 15.52 -23.91
N VAL B 166 -5.17 15.30 -23.32
CA VAL B 166 -6.12 16.40 -23.18
C VAL B 166 -5.45 17.59 -22.50
N THR B 167 -4.68 17.36 -21.43
CA THR B 167 -4.04 18.49 -20.77
C THR B 167 -3.07 19.20 -21.71
N ASP B 168 -2.53 18.48 -22.71
CA ASP B 168 -1.60 19.09 -23.64
C ASP B 168 -2.29 20.03 -24.61
N ASN B 169 -3.60 20.00 -24.68
CA ASN B 169 -4.33 20.84 -25.61
C ASN B 169 -5.08 21.96 -24.90
N ILE B 170 -4.89 22.14 -23.60
CA ILE B 170 -5.46 23.28 -22.89
C ILE B 170 -4.61 24.50 -23.24
N LEU B 171 -5.17 25.41 -24.08
CA LEU B 171 -4.49 26.66 -24.41
C LEU B 171 -4.78 27.76 -23.40
N GLU B 172 -5.91 27.69 -22.71
CA GLU B 172 -6.21 28.69 -21.70
C GLU B 172 -7.30 28.16 -20.78
N VAL B 173 -7.28 28.65 -19.54
CA VAL B 173 -8.36 28.39 -18.61
C VAL B 173 -8.69 29.70 -17.93
N GLN B 174 -9.91 29.75 -17.39
CA GLN B 174 -10.34 30.79 -16.48
C GLN B 174 -10.80 30.14 -15.20
N LEU B 175 -10.43 30.72 -14.06
CA LEU B 175 -10.84 30.16 -12.78
C LEU B 175 -11.11 31.25 -11.78
N VAL B 176 -12.00 30.96 -10.84
CA VAL B 176 -12.17 31.78 -9.64
C VAL B 176 -11.14 31.36 -8.61
N ALA B 177 -10.40 32.32 -8.07
CA ALA B 177 -9.28 32.00 -7.19
C ALA B 177 -9.74 32.07 -5.74
N ALA B 178 -8.82 31.76 -4.84
CA ALA B 178 -9.21 31.67 -3.44
C ALA B 178 -9.72 33.01 -2.92
N ASN B 179 -9.19 34.11 -3.45
CA ASN B 179 -9.51 35.44 -2.96
C ASN B 179 -10.65 36.12 -3.74
N GLY B 180 -11.35 35.36 -4.59
CA GLY B 180 -12.54 35.83 -5.26
C GLY B 180 -12.34 36.23 -6.70
N THR B 181 -11.11 36.55 -7.09
CA THR B 181 -10.85 37.12 -8.42
C THR B 181 -11.08 36.10 -9.53
N VAL B 182 -11.61 36.56 -10.64
CA VAL B 182 -11.54 35.76 -11.87
C VAL B 182 -10.15 35.92 -12.47
N VAL B 183 -9.53 34.81 -12.84
CA VAL B 183 -8.14 34.76 -13.32
C VAL B 183 -8.13 34.06 -14.66
N THR B 184 -7.29 34.52 -15.57
CA THR B 184 -7.07 33.83 -16.82
C THR B 184 -5.63 33.35 -16.85
N ALA B 185 -5.41 32.14 -17.37
CA ALA B 185 -4.08 31.58 -17.46
C ALA B 185 -3.90 30.99 -18.85
N ASN B 186 -2.78 31.32 -19.48
CA ASN B 186 -2.36 30.77 -20.77
C ASN B 186 -0.85 30.95 -20.88
N ALA B 187 -0.30 30.75 -22.08
CA ALA B 187 1.15 30.79 -22.26
C ALA B 187 1.75 32.17 -21.98
N GLN B 188 0.97 33.24 -22.12
CA GLN B 188 1.42 34.62 -21.94
C GLN B 188 1.06 35.20 -20.58
N LYS B 189 -0.17 34.97 -20.10
CA LYS B 189 -0.66 35.55 -18.86
C LYS B 189 -0.66 34.48 -17.77
N ASN B 190 0.02 34.77 -16.64
CA ASN B 190 -0.03 33.90 -15.47
C ASN B 190 0.60 32.52 -15.76
N LYS B 191 1.79 32.53 -16.36
CA LYS B 191 2.43 31.29 -16.82
C LYS B 191 2.58 30.25 -15.70
N ASP B 192 2.74 30.67 -14.45
CA ASP B 192 2.89 29.72 -13.36
C ASP B 192 1.60 28.93 -13.12
N LEU B 193 0.46 29.64 -13.09
CA LEU B 193 -0.85 28.98 -12.95
C LEU B 193 -1.19 28.14 -14.16
N TYR B 194 -0.78 28.58 -15.35
CA TYR B 194 -0.98 27.80 -16.55
C TYR B 194 -0.22 26.48 -16.48
N PHE B 195 0.98 26.51 -15.89
CA PHE B 195 1.79 25.31 -15.70
C PHE B 195 1.12 24.34 -14.75
N ALA B 196 0.71 24.85 -13.57
CA ALA B 196 0.10 24.02 -12.53
C ALA B 196 -1.16 23.29 -13.04
N ILE B 197 -2.07 24.03 -13.67
CA ILE B 197 -3.35 23.39 -14.01
C ILE B 197 -3.17 22.30 -15.06
N ARG B 198 -2.10 22.35 -15.86
CA ARG B 198 -1.86 21.29 -16.84
C ARG B 198 -1.20 20.08 -16.17
N GLY B 199 -1.97 19.41 -15.31
CA GLY B 199 -1.47 18.20 -14.69
C GLY B 199 -1.77 18.16 -13.22
N ALA B 200 -1.96 19.34 -12.60
CA ALA B 200 -2.24 19.39 -11.16
C ALA B 200 -3.40 20.31 -10.86
N GLY B 201 -4.29 20.50 -11.83
CA GLY B 201 -5.33 21.49 -11.70
C GLY B 201 -6.48 21.08 -10.79
N ALA B 202 -6.61 19.79 -10.46
CA ALA B 202 -7.73 19.38 -9.60
C ALA B 202 -7.74 20.17 -8.30
N THR B 203 -8.67 21.14 -8.17
CA THR B 203 -9.05 21.81 -6.93
C THR B 203 -8.03 22.77 -6.34
N SER B 204 -6.76 22.35 -6.31
CA SER B 204 -5.74 23.02 -5.48
C SER B 204 -5.57 24.52 -5.78
N TYR B 205 -5.83 24.96 -7.02
CA TYR B 205 -5.60 26.36 -7.38
C TYR B 205 -6.88 27.16 -7.55
N GLY B 206 -8.04 26.53 -7.42
CA GLY B 206 -9.33 27.19 -7.48
C GLY B 206 -10.23 26.47 -8.46
N ILE B 207 -11.37 27.09 -8.75
CA ILE B 207 -12.46 26.46 -9.49
C ILE B 207 -12.37 26.90 -10.95
N VAL B 208 -11.82 26.05 -11.82
CA VAL B 208 -11.84 26.32 -13.25
C VAL B 208 -13.28 26.44 -13.74
N THR B 209 -13.58 27.49 -14.51
CA THR B 209 -14.91 27.68 -15.08
C THR B 209 -14.98 27.37 -16.56
N GLN B 210 -13.90 27.58 -17.30
CA GLN B 210 -13.91 27.15 -18.69
C GLN B 210 -12.50 26.98 -19.21
N PHE B 211 -12.41 26.16 -20.26
CA PHE B 211 -11.19 25.78 -20.93
C PHE B 211 -11.25 26.33 -22.35
N THR B 212 -10.07 26.50 -22.95
CA THR B 212 -9.98 26.65 -24.39
C THR B 212 -9.03 25.56 -24.93
N PHE B 213 -9.59 24.64 -25.71
CA PHE B 213 -8.85 23.49 -26.22
C PHE B 213 -8.45 23.71 -27.67
N ARG B 214 -7.20 23.37 -27.97
CA ARG B 214 -6.82 23.11 -29.35
C ARG B 214 -7.55 21.86 -29.86
N VAL B 215 -8.29 21.97 -30.96
CA VAL B 215 -9.03 20.84 -31.51
C VAL B 215 -8.30 20.30 -32.73
N HIS B 216 -8.78 19.15 -33.23
CA HIS B 216 -8.05 18.37 -34.24
C HIS B 216 -9.01 17.79 -35.27
N ASP B 217 -8.62 17.88 -36.56
CA ASP B 217 -9.45 17.41 -37.67
C ASP B 217 -9.54 15.88 -37.68
N VAL B 218 -10.77 15.34 -37.55
CA VAL B 218 -11.01 13.89 -37.59
C VAL B 218 -12.08 13.57 -38.62
N SER B 219 -12.08 14.33 -39.71
CA SER B 219 -13.04 14.14 -40.80
C SER B 219 -12.75 12.86 -41.58
N ALA B 220 -11.48 12.49 -41.69
CA ALA B 220 -11.12 11.31 -42.43
C ALA B 220 -11.60 10.07 -41.68
N PRO B 221 -11.85 8.96 -42.38
CA PRO B 221 -12.22 7.72 -41.70
C PRO B 221 -11.12 7.19 -40.78
N VAL B 222 -11.56 6.36 -39.83
CA VAL B 222 -10.73 5.72 -38.82
C VAL B 222 -11.12 4.25 -38.76
N THR B 223 -10.21 3.44 -38.23
CA THR B 223 -10.45 2.01 -38.04
C THR B 223 -10.31 1.62 -36.58
N HIS B 224 -11.26 0.82 -36.09
CA HIS B 224 -11.29 0.33 -34.74
C HIS B 224 -11.03 -1.17 -34.78
N PHE B 225 -10.12 -1.66 -33.92
CA PHE B 225 -9.78 -3.08 -33.87
C PHE B 225 -9.81 -3.58 -32.43
N LYS B 226 -10.18 -4.85 -32.26
CA LYS B 226 -10.17 -5.47 -30.94
C LYS B 226 -9.96 -6.97 -31.12
N TYR B 227 -8.81 -7.44 -30.64
CA TYR B 227 -8.42 -8.85 -30.67
C TYR B 227 -8.51 -9.40 -29.26
N ARG B 228 -9.37 -10.37 -29.06
CA ARG B 228 -9.71 -10.84 -27.71
C ARG B 228 -9.45 -12.34 -27.59
N TRP B 229 -9.02 -12.76 -26.41
CA TRP B 229 -8.87 -14.17 -26.06
C TRP B 229 -9.57 -14.41 -24.72
N ASN B 230 -9.89 -15.68 -24.47
CA ASN B 230 -10.48 -16.08 -23.19
C ASN B 230 -9.79 -17.38 -22.77
N ASP B 231 -8.52 -17.27 -22.40
CA ASP B 231 -7.71 -18.43 -22.06
C ASP B 231 -6.63 -17.97 -21.07
N LYS B 232 -6.66 -18.55 -19.87
CA LYS B 232 -5.67 -18.20 -18.85
C LYS B 232 -4.25 -18.52 -19.31
N ALA B 233 -4.08 -19.57 -20.12
CA ALA B 233 -2.77 -20.05 -20.50
C ALA B 233 -2.02 -19.13 -21.47
N VAL B 234 -2.68 -18.18 -22.13
CA VAL B 234 -2.01 -17.35 -23.11
C VAL B 234 -1.87 -15.90 -22.65
N LEU B 235 -2.14 -15.63 -21.37
CA LEU B 235 -1.88 -14.32 -20.78
C LEU B 235 -0.43 -13.88 -21.00
N PHE B 236 0.53 -14.74 -20.58
CA PHE B 236 1.94 -14.42 -20.76
C PHE B 236 2.27 -14.17 -22.23
N LYS B 237 1.93 -15.13 -23.10
CA LYS B 237 2.25 -14.99 -24.51
C LYS B 237 1.70 -13.67 -25.06
N ASN B 238 0.42 -13.39 -24.76
CA ASN B 238 -0.24 -12.21 -25.32
C ASN B 238 0.39 -10.93 -24.80
N PHE B 239 0.61 -10.82 -23.49
CA PHE B 239 1.16 -9.57 -22.97
C PHE B 239 2.56 -9.31 -23.52
N LYS B 240 3.39 -10.36 -23.58
CA LYS B 240 4.74 -10.21 -24.12
C LYS B 240 4.68 -9.76 -25.58
N SER B 241 3.74 -10.31 -26.36
CA SER B 241 3.58 -9.86 -27.73
C SER B 241 3.20 -8.39 -27.78
N PHE B 242 2.29 -7.95 -26.89
CA PHE B 242 1.85 -6.57 -26.88
C PHE B 242 2.98 -5.61 -26.53
N GLN B 243 3.87 -6.01 -25.63
CA GLN B 243 4.98 -5.13 -25.27
C GLN B 243 5.94 -4.95 -26.44
N SER B 244 6.35 -6.06 -27.09
CA SER B 244 7.27 -5.96 -28.22
C SER B 244 6.65 -5.11 -29.32
N TRP B 245 5.39 -5.40 -29.64
CA TRP B 245 4.67 -4.58 -30.60
C TRP B 245 4.62 -3.12 -30.18
N GLY B 246 4.34 -2.84 -28.90
CA GLY B 246 4.11 -1.46 -28.51
C GLY B 246 5.33 -0.58 -28.64
N LEU B 247 6.52 -1.19 -28.66
CA LEU B 247 7.73 -0.40 -28.75
C LEU B 247 7.83 0.33 -30.09
N ASN B 248 7.18 -0.17 -31.14
CA ASN B 248 7.30 0.40 -32.48
C ASN B 248 5.97 0.87 -33.07
N VAL B 249 4.94 1.10 -32.27
CA VAL B 249 3.66 1.51 -32.84
C VAL B 249 3.71 2.98 -33.22
N PRO B 250 3.44 3.32 -34.47
CA PRO B 250 3.48 4.73 -34.89
C PRO B 250 2.33 5.51 -34.30
N ALA B 251 2.44 6.85 -34.38
CA ALA B 251 1.53 7.74 -33.66
C ALA B 251 0.09 7.66 -34.12
N GLU B 252 -0.16 7.09 -35.31
CA GLU B 252 -1.52 7.01 -35.84
C GLU B 252 -2.36 5.97 -35.12
N ILE B 253 -1.74 5.09 -34.33
CA ILE B 253 -2.46 4.13 -33.48
C ILE B 253 -2.32 4.53 -32.02
N SER B 254 -3.42 4.42 -31.29
CA SER B 254 -3.41 4.38 -29.84
C SER B 254 -4.14 3.10 -29.47
N ALA B 255 -3.64 2.37 -28.48
CA ALA B 255 -4.21 1.10 -28.16
C ALA B 255 -4.03 0.86 -26.69
N ALA B 256 -4.76 -0.11 -26.17
CA ALA B 256 -4.68 -0.41 -24.76
C ALA B 256 -4.86 -1.91 -24.61
N PHE B 257 -4.04 -2.53 -23.76
CA PHE B 257 -4.17 -3.95 -23.47
C PHE B 257 -5.04 -4.13 -22.23
N TYR B 258 -5.80 -5.24 -22.20
CA TYR B 258 -6.66 -5.60 -21.08
C TYR B 258 -6.35 -7.01 -20.61
N MET B 259 -6.63 -7.28 -19.35
CA MET B 259 -6.31 -8.57 -18.75
C MET B 259 -7.13 -8.69 -17.47
N ASP B 260 -7.70 -9.85 -17.18
CA ASP B 260 -8.36 -9.97 -15.90
C ASP B 260 -8.19 -11.39 -15.37
N PRO B 261 -8.39 -11.60 -14.04
CA PRO B 261 -8.12 -12.91 -13.44
C PRO B 261 -8.89 -14.05 -14.03
N SER B 262 -9.97 -13.79 -14.77
CA SER B 262 -10.76 -14.89 -15.32
C SER B 262 -10.13 -15.52 -16.55
N GLY B 263 -9.09 -14.92 -17.12
CA GLY B 263 -8.48 -15.41 -18.34
C GLY B 263 -8.68 -14.53 -19.56
N VAL B 264 -9.49 -13.49 -19.47
CA VAL B 264 -9.77 -12.64 -20.62
C VAL B 264 -8.58 -11.71 -20.87
N SER B 265 -8.14 -11.63 -22.11
CA SER B 265 -7.10 -10.70 -22.55
C SER B 265 -7.50 -10.12 -23.88
N TRP B 266 -7.20 -8.85 -24.10
CA TRP B 266 -7.46 -8.30 -25.42
C TRP B 266 -6.57 -7.08 -25.64
N LEU B 267 -6.41 -6.76 -26.93
CA LEU B 267 -5.82 -5.50 -27.40
C LEU B 267 -6.93 -4.77 -28.13
N GLU B 268 -7.23 -3.56 -27.71
CA GLU B 268 -8.21 -2.70 -28.37
C GLU B 268 -7.52 -1.40 -28.76
N GLY B 269 -7.65 -1.01 -30.03
CA GLY B 269 -7.06 0.23 -30.47
C GLY B 269 -7.84 0.92 -31.58
N THR B 270 -7.32 2.07 -31.98
CA THR B 270 -7.97 3.00 -32.90
C THR B 270 -6.91 3.56 -33.83
N TYR B 271 -7.03 3.23 -35.12
CA TYR B 271 -6.07 3.64 -36.14
C TYR B 271 -6.62 4.83 -36.94
N LEU B 272 -5.89 5.95 -36.95
CA LEU B 272 -6.25 7.10 -37.78
C LEU B 272 -5.89 6.83 -39.25
N GLY B 273 -6.67 5.97 -39.88
CA GLY B 273 -6.32 5.51 -41.21
C GLY B 273 -7.36 4.52 -41.71
N LYS B 274 -7.11 4.02 -42.93
CA LYS B 274 -8.06 3.14 -43.60
C LYS B 274 -7.84 1.70 -43.16
N LYS B 275 -8.94 0.94 -43.04
CA LYS B 275 -8.87 -0.45 -42.58
C LYS B 275 -7.97 -1.30 -43.47
N THR B 276 -7.82 -0.94 -44.76
CA THR B 276 -6.99 -1.73 -45.65
C THR B 276 -5.50 -1.52 -45.40
N SER B 277 -5.13 -0.47 -44.67
CA SER B 277 -3.76 -0.22 -44.26
C SER B 277 -3.42 -0.77 -42.88
N LEU B 278 -4.40 -1.39 -42.20
CA LEU B 278 -4.22 -1.71 -40.79
C LEU B 278 -3.26 -2.89 -40.60
N LEU B 279 -3.33 -3.91 -41.47
CA LEU B 279 -2.63 -5.16 -41.22
C LEU B 279 -1.13 -5.00 -40.98
N PRO B 280 -0.35 -4.31 -41.82
CA PRO B 280 1.08 -4.17 -41.52
C PRO B 280 1.36 -3.57 -40.18
N LEU B 281 0.40 -2.90 -39.56
CA LEU B 281 0.62 -2.25 -38.28
C LEU B 281 0.28 -3.12 -37.07
N VAL B 282 -0.55 -4.17 -37.21
CA VAL B 282 -0.82 -5.09 -36.12
C VAL B 282 -0.23 -6.47 -36.41
N LYS B 283 0.56 -6.58 -37.47
CA LYS B 283 1.00 -7.88 -37.93
C LYS B 283 1.88 -8.56 -36.90
N THR B 284 2.90 -7.86 -36.40
CA THR B 284 3.82 -8.47 -35.45
C THR B 284 3.12 -8.82 -34.14
N PHE B 285 2.10 -8.04 -33.75
CA PHE B 285 1.36 -8.40 -32.55
C PHE B 285 0.58 -9.70 -32.75
N LEU B 286 -0.20 -9.81 -33.83
CA LEU B 286 -0.98 -11.02 -34.08
C LEU B 286 -0.11 -12.27 -34.30
N ALA B 287 1.14 -12.08 -34.79
CA ALA B 287 2.02 -13.22 -35.06
C ALA B 287 2.64 -13.81 -33.79
N SER B 288 2.98 -12.96 -32.81
CA SER B 288 3.59 -13.42 -31.56
C SER B 288 2.57 -13.71 -30.46
N ALA B 289 1.33 -13.26 -30.59
CA ALA B 289 0.32 -13.61 -29.61
C ALA B 289 -0.26 -14.98 -29.95
N ALA B 290 -1.16 -15.45 -29.10
CA ALA B 290 -1.79 -16.74 -29.32
C ALA B 290 -2.66 -16.70 -30.56
N PRO B 291 -2.71 -17.79 -31.32
CA PRO B 291 -3.58 -17.83 -32.50
C PRO B 291 -5.06 -17.75 -32.14
N ASN B 292 -5.85 -17.59 -33.20
CA ASN B 292 -7.31 -17.57 -33.15
C ASN B 292 -7.91 -16.60 -32.12
N PRO B 293 -7.59 -15.32 -32.17
CA PRO B 293 -8.40 -14.35 -31.40
C PRO B 293 -9.81 -14.22 -31.96
N THR B 294 -10.70 -13.67 -31.15
CA THR B 294 -11.94 -13.13 -31.67
C THR B 294 -11.62 -11.76 -32.23
N ARG B 295 -11.75 -11.63 -33.55
CA ARG B 295 -11.25 -10.47 -34.28
C ARG B 295 -12.40 -9.59 -34.79
N VAL B 296 -12.31 -8.30 -34.54
CA VAL B 296 -13.33 -7.36 -34.95
C VAL B 296 -12.58 -6.11 -35.40
N GLU B 297 -12.58 -5.86 -36.71
CA GLU B 297 -12.06 -4.64 -37.29
C GLU B 297 -13.19 -3.96 -38.05
N GLU B 298 -13.32 -2.64 -37.89
CA GLU B 298 -14.40 -1.89 -38.52
C GLU B 298 -13.94 -0.50 -38.90
N GLU B 299 -14.21 -0.08 -40.15
CA GLU B 299 -13.92 1.29 -40.57
C GLU B 299 -15.11 2.20 -40.26
N LEU B 300 -14.81 3.40 -39.73
CA LEU B 300 -15.82 4.24 -39.08
C LEU B 300 -15.49 5.71 -39.27
N ASN B 301 -16.45 6.58 -38.91
CA ASN B 301 -16.18 8.00 -38.71
C ASN B 301 -15.99 8.30 -37.22
N TRP B 302 -15.61 9.54 -36.92
CA TRP B 302 -15.12 9.79 -35.57
C TRP B 302 -16.20 9.57 -34.52
N ILE B 303 -17.43 9.99 -34.80
CA ILE B 303 -18.45 9.88 -33.75
C ILE B 303 -18.93 8.45 -33.62
N GLN B 304 -18.80 7.63 -34.68
CA GLN B 304 -19.07 6.20 -34.54
C GLN B 304 -17.97 5.52 -33.72
N LEU B 305 -16.71 5.92 -33.92
CA LEU B 305 -15.63 5.44 -33.06
C LEU B 305 -15.96 5.68 -31.59
N ILE B 306 -16.24 6.94 -31.24
CA ILE B 306 -16.63 7.27 -29.87
C ILE B 306 -17.76 6.37 -29.38
N LEU B 307 -18.66 5.97 -30.27
CA LEU B 307 -19.75 5.08 -29.89
C LEU B 307 -19.29 3.63 -29.73
N VAL B 308 -18.43 3.15 -30.62
CA VAL B 308 -17.93 1.79 -30.53
C VAL B 308 -17.00 1.62 -29.33
N ASN B 309 -16.16 2.63 -29.05
CA ASN B 309 -15.26 2.58 -27.89
C ASN B 309 -16.01 2.57 -26.56
N TRP B 310 -17.35 2.64 -26.56
CA TRP B 310 -18.14 2.41 -25.36
C TRP B 310 -19.20 1.34 -25.61
N ASN B 311 -18.88 0.40 -26.50
CA ASN B 311 -19.64 -0.85 -26.68
C ASN B 311 -21.07 -0.60 -27.18
N TYR B 312 -21.29 0.55 -27.86
CA TYR B 312 -22.48 0.83 -28.67
C TYR B 312 -22.21 0.43 -30.11
N PRO B 313 -23.19 -0.19 -30.80
CA PRO B 313 -22.99 -0.56 -32.21
C PRO B 313 -22.77 0.67 -33.08
N SER B 314 -22.04 0.48 -34.18
CA SER B 314 -21.63 1.61 -35.03
C SER B 314 -22.81 2.36 -35.62
N ASN B 315 -23.95 1.68 -35.83
CA ASN B 315 -25.14 2.30 -36.37
C ASN B 315 -26.08 2.83 -35.28
N THR B 316 -25.56 3.07 -34.08
CA THR B 316 -26.35 3.70 -33.01
C THR B 316 -26.50 5.19 -33.32
N ASN B 317 -27.65 5.74 -32.93
CA ASN B 317 -27.91 7.17 -33.11
C ASN B 317 -26.87 8.00 -32.36
N PRO B 318 -26.09 8.86 -33.03
CA PRO B 318 -25.09 9.67 -32.33
C PRO B 318 -25.63 10.45 -31.14
N ASN B 319 -26.94 10.74 -31.12
CA ASN B 319 -27.50 11.48 -30.00
C ASN B 319 -27.46 10.69 -28.70
N GLN B 320 -27.13 9.39 -28.78
CA GLN B 320 -27.00 8.58 -27.58
C GLN B 320 -25.96 9.17 -26.63
N LEU B 321 -24.95 9.84 -27.17
CA LEU B 321 -23.89 10.40 -26.33
C LEU B 321 -24.40 11.49 -25.39
N ASN B 322 -25.59 12.02 -25.64
CA ASN B 322 -26.17 13.00 -24.72
C ASN B 322 -26.89 12.32 -23.55
N ASN B 323 -27.06 11.00 -23.61
CA ASN B 323 -27.89 10.30 -22.64
C ASN B 323 -27.26 8.99 -22.17
N VAL B 324 -25.94 8.95 -22.03
CA VAL B 324 -25.32 7.71 -21.55
C VAL B 324 -25.57 7.59 -20.05
N PRO B 325 -26.24 6.55 -19.59
CA PRO B 325 -26.62 6.51 -18.17
C PRO B 325 -25.37 6.39 -17.31
N PHE B 326 -25.43 7.03 -16.13
CA PHE B 326 -24.30 7.10 -15.23
C PHE B 326 -24.26 5.86 -14.34
N THR B 327 -23.31 4.97 -14.61
CA THR B 327 -23.16 3.78 -13.79
C THR B 327 -22.10 4.03 -12.72
N THR B 328 -22.15 3.23 -11.66
CA THR B 328 -21.24 3.36 -10.54
C THR B 328 -20.59 2.02 -10.26
N ASN B 329 -19.67 2.03 -9.31
CA ASN B 329 -18.98 0.82 -8.86
C ASN B 329 -18.51 1.05 -7.42
N THR B 330 -18.02 0.00 -6.77
CA THR B 330 -17.32 0.14 -5.50
C THR B 330 -15.98 -0.56 -5.65
N PHE B 331 -14.88 0.17 -5.47
CA PHE B 331 -13.56 -0.37 -5.83
C PHE B 331 -12.45 0.40 -5.11
N LYS B 332 -11.24 -0.17 -5.24
CA LYS B 332 -9.96 0.47 -4.93
C LYS B 332 -9.12 0.39 -6.18
N ALA B 333 -8.51 1.50 -6.58
CA ALA B 333 -7.74 1.53 -7.82
C ALA B 333 -6.33 1.99 -7.54
N LYS B 334 -5.36 1.41 -8.27
CA LYS B 334 -3.99 1.91 -8.24
C LYS B 334 -3.45 1.93 -9.67
N SER B 335 -2.38 2.69 -9.89
CA SER B 335 -1.77 2.79 -11.21
C SER B 335 -0.25 2.78 -11.06
N ILE B 336 0.44 2.54 -12.18
CA ILE B 336 1.90 2.59 -12.20
C ILE B 336 2.33 2.80 -13.65
N TYR B 337 3.49 3.45 -13.82
CA TYR B 337 4.10 3.59 -15.13
C TYR B 337 5.25 2.58 -15.29
N VAL B 338 5.43 2.13 -16.52
CA VAL B 338 6.49 1.21 -16.90
C VAL B 338 7.23 1.84 -18.07
N ASN B 339 8.57 1.96 -17.95
CA ASN B 339 9.40 2.47 -19.03
C ASN B 339 9.80 1.37 -20.02
N GLY B 340 10.22 1.78 -21.21
CA GLY B 340 10.65 0.83 -22.23
C GLY B 340 11.91 0.12 -21.75
N PRO B 341 12.13 -1.12 -22.20
CA PRO B 341 11.33 -1.93 -23.12
C PRO B 341 10.17 -2.63 -22.44
N GLY B 342 9.85 -2.23 -21.23
CA GLY B 342 8.73 -2.81 -20.51
C GLY B 342 9.17 -3.70 -19.37
N LEU B 343 8.23 -4.53 -18.92
CA LEU B 343 8.51 -5.50 -17.88
C LEU B 343 9.35 -6.65 -18.43
N SER B 344 10.40 -7.01 -17.68
CA SER B 344 11.10 -8.26 -17.95
C SER B 344 10.12 -9.42 -17.97
N ASP B 345 10.53 -10.55 -18.58
CA ASP B 345 9.70 -11.75 -18.49
C ASP B 345 9.51 -12.17 -17.03
N ALA B 346 10.54 -11.99 -16.20
CA ALA B 346 10.39 -12.35 -14.81
C ALA B 346 9.26 -11.57 -14.14
N GLY B 347 9.09 -10.31 -14.56
CA GLY B 347 8.04 -9.44 -14.05
C GLY B 347 6.67 -9.72 -14.66
N ILE B 348 6.60 -9.97 -15.97
CA ILE B 348 5.35 -10.43 -16.55
C ILE B 348 4.82 -11.66 -15.81
N ASN B 349 5.73 -12.56 -15.38
CA ASN B 349 5.27 -13.71 -14.58
C ASN B 349 4.82 -13.27 -13.21
N ALA B 350 5.63 -12.47 -12.52
CA ALA B 350 5.26 -11.99 -11.19
C ALA B 350 3.93 -11.26 -11.24
N MET B 351 3.73 -10.42 -12.26
CA MET B 351 2.50 -9.67 -12.39
C MET B 351 1.31 -10.61 -12.58
N ILE B 352 1.38 -11.46 -13.61
CA ILE B 352 0.28 -12.37 -13.89
C ILE B 352 0.01 -13.27 -12.69
N ASN B 353 1.06 -13.77 -12.03
CA ASN B 353 0.85 -14.61 -10.85
C ASN B 353 0.14 -13.84 -9.76
N ALA B 354 0.54 -12.57 -9.55
CA ALA B 354 -0.11 -11.72 -8.55
C ALA B 354 -1.59 -11.59 -8.84
N MET B 355 -1.93 -11.30 -10.11
CA MET B 355 -3.31 -11.12 -10.51
C MET B 355 -4.13 -12.36 -10.20
N ASN B 356 -3.55 -13.55 -10.41
CA ASN B 356 -4.37 -14.74 -10.33
C ASN B 356 -4.64 -15.19 -8.90
N THR B 357 -4.00 -14.59 -7.90
CA THR B 357 -4.39 -14.90 -6.54
C THR B 357 -5.71 -14.25 -6.14
N GLY B 358 -6.52 -13.82 -7.12
CA GLY B 358 -7.67 -12.98 -6.85
C GLY B 358 -8.78 -13.09 -7.87
N SER B 359 -9.82 -12.30 -7.70
CA SER B 359 -10.94 -12.34 -8.61
C SER B 359 -11.62 -10.99 -8.64
N ASN B 360 -12.47 -10.80 -9.64
CA ASN B 360 -13.28 -9.59 -9.73
C ASN B 360 -12.39 -8.34 -9.67
N ALA B 361 -11.46 -8.29 -10.62
CA ALA B 361 -10.58 -7.14 -10.84
C ALA B 361 -10.19 -7.14 -12.30
N TYR B 362 -9.70 -6.00 -12.79
CA TYR B 362 -9.22 -5.89 -14.17
C TYR B 362 -8.05 -4.91 -14.24
N PHE B 363 -7.32 -4.98 -15.36
CA PHE B 363 -6.03 -4.30 -15.51
C PHE B 363 -5.89 -3.79 -16.94
N ILE B 364 -5.75 -2.47 -17.10
CA ILE B 364 -5.72 -1.87 -18.42
C ILE B 364 -4.37 -1.20 -18.59
N TYR B 365 -3.75 -1.40 -19.77
CA TYR B 365 -2.43 -0.87 -20.09
C TYR B 365 -2.52 0.07 -21.29
N ASP B 366 -2.47 1.38 -21.06
CA ASP B 366 -2.57 2.38 -22.14
C ASP B 366 -1.21 2.66 -22.76
N LEU B 367 -1.10 2.56 -24.08
CA LEU B 367 0.19 2.72 -24.73
C LEU B 367 0.59 4.20 -24.82
N TYR B 368 1.81 4.51 -24.34
CA TYR B 368 2.43 5.82 -24.54
C TYR B 368 3.53 5.63 -25.57
N GLY B 369 4.79 5.57 -25.17
CA GLY B 369 5.85 5.19 -26.08
C GLY B 369 6.51 6.37 -26.76
N SER B 370 7.72 6.10 -27.28
CA SER B 370 8.53 7.17 -27.86
C SER B 370 7.87 7.82 -29.08
N GLN B 371 7.06 7.08 -29.83
CA GLN B 371 6.41 7.65 -31.00
C GLN B 371 5.23 8.56 -30.66
N SER B 372 4.72 8.50 -29.42
CA SER B 372 3.50 9.23 -29.08
C SER B 372 3.74 10.73 -29.02
N ALA B 373 2.73 11.49 -29.41
CA ALA B 373 2.77 12.92 -29.14
C ALA B 373 3.00 13.19 -27.66
N ILE B 374 2.45 12.34 -26.78
CA ILE B 374 2.56 12.52 -25.34
C ILE B 374 4.02 12.59 -24.94
N ASN B 375 4.82 11.67 -25.48
CA ASN B 375 6.20 11.54 -25.03
C ASN B 375 7.12 12.57 -25.64
N LYS B 376 6.68 13.23 -26.72
CA LYS B 376 7.46 14.27 -27.38
C LYS B 376 7.24 15.66 -26.78
N VAL B 377 6.21 15.86 -25.97
CA VAL B 377 6.12 17.09 -25.18
C VAL B 377 7.43 17.35 -24.44
N VAL B 378 7.94 18.57 -24.57
CA VAL B 378 9.17 19.02 -23.89
C VAL B 378 9.03 18.90 -22.38
N PRO B 379 9.92 18.18 -21.69
CA PRO B 379 9.74 18.00 -20.23
C PRO B 379 9.88 19.33 -19.51
N GLY B 380 9.01 19.55 -18.52
CA GLY B 380 9.06 20.78 -17.78
C GLY B 380 8.10 21.86 -18.25
N GLU B 381 7.41 21.65 -19.37
CA GLU B 381 6.45 22.62 -19.85
C GLU B 381 5.06 22.45 -19.23
N THR B 382 4.75 21.28 -18.67
CA THR B 382 3.49 21.02 -17.98
C THR B 382 3.80 20.39 -16.62
N ALA B 383 2.76 20.29 -15.79
CA ALA B 383 2.86 19.55 -14.54
C ALA B 383 2.64 18.07 -14.74
N PHE B 384 2.43 17.63 -15.98
CA PHE B 384 2.33 16.20 -16.25
C PHE B 384 3.72 15.71 -16.58
N ILE B 385 4.40 15.08 -15.61
CA ILE B 385 5.79 14.71 -15.82
C ILE B 385 6.00 13.42 -16.60
N HIS B 386 4.97 12.57 -16.76
CA HIS B 386 5.15 11.19 -17.24
C HIS B 386 5.32 11.15 -18.75
N ARG B 387 6.53 11.51 -19.21
CA ARG B 387 6.83 11.61 -20.62
C ARG B 387 7.92 10.65 -21.12
N ASN B 388 8.30 9.61 -20.34
CA ASN B 388 9.36 8.66 -20.70
C ASN B 388 8.92 7.20 -20.63
N SER B 389 7.63 6.95 -20.46
CA SER B 389 7.17 5.60 -20.18
C SER B 389 6.68 4.93 -21.46
N LEU B 390 6.54 3.60 -21.38
CA LEU B 390 5.98 2.85 -22.48
C LEU B 390 4.47 2.69 -22.35
N TYR B 391 3.97 2.58 -21.13
CA TYR B 391 2.53 2.47 -20.86
C TYR B 391 2.26 2.67 -19.37
N SER B 392 1.00 2.93 -19.06
CA SER B 392 0.54 3.00 -17.69
C SER B 392 -0.28 1.75 -17.41
N ILE B 393 -0.32 1.34 -16.15
CA ILE B 393 -1.18 0.24 -15.72
C ILE B 393 -2.27 0.80 -14.83
N GLN B 394 -3.54 0.50 -15.16
CA GLN B 394 -4.66 0.83 -14.29
C GLN B 394 -5.14 -0.45 -13.61
N MET B 395 -5.02 -0.50 -12.29
CA MET B 395 -5.30 -1.69 -11.49
C MET B 395 -6.57 -1.43 -10.68
N VAL B 396 -7.62 -2.22 -10.95
CA VAL B 396 -8.92 -1.95 -10.35
C VAL B 396 -9.46 -3.24 -9.74
N ALA B 397 -9.74 -3.21 -8.44
CA ALA B 397 -10.36 -4.32 -7.75
C ALA B 397 -11.72 -3.85 -7.22
N SER B 398 -12.78 -4.59 -7.55
CA SER B 398 -14.14 -4.18 -7.26
C SER B 398 -14.81 -5.14 -6.30
N TRP B 399 -15.87 -4.66 -5.65
CA TRP B 399 -16.71 -5.57 -4.88
C TRP B 399 -18.16 -5.10 -4.91
N SER B 400 -19.09 -6.06 -4.84
CA SER B 400 -20.49 -5.76 -4.60
C SER B 400 -20.94 -6.19 -3.21
N ASN B 401 -20.06 -6.80 -2.41
CA ASN B 401 -20.27 -7.17 -1.02
C ASN B 401 -19.22 -6.44 -0.19
N ASP B 402 -19.66 -5.60 0.75
CA ASP B 402 -18.69 -4.88 1.57
C ASP B 402 -17.82 -5.79 2.45
N ASN B 403 -18.23 -7.02 2.72
CA ASN B 403 -17.34 -7.87 3.51
C ASN B 403 -16.11 -8.30 2.71
N ASN B 404 -16.01 -7.90 1.44
CA ASN B 404 -14.84 -8.16 0.62
C ASN B 404 -14.01 -6.91 0.35
N ALA B 405 -14.30 -5.80 1.03
CA ALA B 405 -13.49 -4.61 0.81
C ALA B 405 -12.05 -4.80 1.27
N VAL B 406 -11.83 -5.32 2.48
CA VAL B 406 -10.46 -5.50 2.95
C VAL B 406 -9.73 -6.51 2.06
N THR B 407 -10.42 -7.58 1.69
CA THR B 407 -9.84 -8.57 0.78
C THR B 407 -9.34 -7.93 -0.51
N GLN B 408 -10.22 -7.20 -1.23
CA GLN B 408 -9.86 -6.61 -2.51
C GLN B 408 -8.82 -5.52 -2.37
N THR B 409 -8.93 -4.69 -1.33
CA THR B 409 -7.98 -3.60 -1.18
C THR B 409 -6.57 -4.15 -0.95
N SER B 410 -6.42 -5.15 -0.09
CA SER B 410 -5.06 -5.64 0.12
C SER B 410 -4.59 -6.48 -1.06
N TYR B 411 -5.50 -7.16 -1.74
CA TYR B 411 -5.10 -7.83 -2.96
C TYR B 411 -4.54 -6.85 -3.98
N ILE B 412 -5.26 -5.75 -4.24
CA ILE B 412 -4.81 -4.81 -5.26
C ILE B 412 -3.54 -4.08 -4.81
N THR B 413 -3.38 -3.84 -3.51
CA THR B 413 -2.12 -3.24 -3.07
C THR B 413 -0.94 -4.21 -3.24
N ARG B 414 -1.14 -5.49 -2.92
CA ARG B 414 -0.06 -6.44 -3.14
C ARG B 414 0.36 -6.48 -4.60
N TYR B 415 -0.60 -6.58 -5.51
CA TYR B 415 -0.30 -6.54 -6.93
C TYR B 415 0.58 -5.33 -7.29
N TRP B 416 0.21 -4.14 -6.82
CA TRP B 416 1.02 -2.96 -7.10
C TRP B 416 2.44 -3.10 -6.56
N LYS B 417 2.60 -3.65 -5.36
CA LYS B 417 3.94 -3.84 -4.81
C LYS B 417 4.73 -4.87 -5.61
N VAL B 418 4.06 -5.95 -6.05
CA VAL B 418 4.70 -6.93 -6.92
C VAL B 418 5.23 -6.28 -8.19
N VAL B 419 4.41 -5.45 -8.83
CA VAL B 419 4.81 -4.86 -10.10
C VAL B 419 5.85 -3.77 -9.87
N ARG B 420 5.79 -3.09 -8.71
CA ARG B 420 6.74 -2.01 -8.40
C ARG B 420 8.19 -2.47 -8.50
N THR B 421 8.47 -3.72 -8.13
CA THR B 421 9.82 -4.28 -8.26
C THR B 421 10.35 -4.15 -9.68
N TYR B 422 9.48 -4.31 -10.68
CA TYR B 422 9.90 -4.38 -12.07
C TYR B 422 9.61 -3.12 -12.87
N ALA B 423 9.12 -2.07 -12.24
CA ALA B 423 8.62 -0.88 -12.93
C ALA B 423 9.19 0.37 -12.25
N THR B 424 8.55 1.51 -12.49
CA THR B 424 8.91 2.77 -11.85
C THR B 424 8.05 3.02 -10.62
N GLY B 425 8.36 4.09 -9.89
CA GLY B 425 7.52 4.55 -8.81
C GLY B 425 6.54 5.64 -9.20
N GLN B 426 6.35 5.89 -10.49
CA GLN B 426 5.43 6.94 -10.90
C GLN B 426 4.06 6.35 -11.11
N ALA B 427 3.04 7.16 -10.85
CA ALA B 427 1.65 6.77 -11.04
C ALA B 427 0.90 7.89 -11.74
N TYR B 428 -0.24 7.54 -12.35
CA TYR B 428 -1.02 8.46 -13.17
C TYR B 428 -2.15 9.07 -12.32
N GLN B 429 -2.12 10.40 -12.14
CA GLN B 429 -2.99 11.06 -11.15
C GLN B 429 -4.48 11.10 -11.50
N ASN B 430 -4.89 10.73 -12.72
CA ASN B 430 -6.33 10.56 -12.97
C ASN B 430 -6.85 9.23 -12.43
N TYR B 431 -5.96 8.26 -12.17
CA TYR B 431 -6.28 7.07 -11.39
C TYR B 431 -5.84 7.30 -9.94
N ILE B 432 -6.39 8.36 -9.36
CA ILE B 432 -5.87 8.91 -8.11
C ILE B 432 -5.98 7.89 -6.97
N ASP B 433 -5.02 7.92 -6.05
CA ASP B 433 -4.80 6.84 -5.08
C ASP B 433 -4.24 7.45 -3.82
N ARG B 434 -5.05 7.50 -2.77
CA ARG B 434 -4.64 8.20 -1.56
C ARG B 434 -3.35 7.64 -0.96
N ASP B 435 -3.02 6.37 -1.24
CA ASP B 435 -1.84 5.70 -0.74
C ASP B 435 -0.59 6.00 -1.56
N MET B 436 -0.65 6.91 -2.56
CA MET B 436 0.58 7.25 -3.29
C MET B 436 1.20 8.52 -2.75
N PRO B 437 2.52 8.60 -2.61
CA PRO B 437 3.12 9.87 -2.21
C PRO B 437 3.05 10.86 -3.34
N LEU B 438 2.86 12.14 -2.99
CA LEU B 438 2.75 13.15 -4.03
C LEU B 438 3.92 13.10 -5.00
N SER B 439 5.13 12.76 -4.50
CA SER B 439 6.30 12.69 -5.39
C SER B 439 6.08 11.73 -6.56
N ALA B 440 5.21 10.74 -6.40
CA ALA B 440 5.02 9.76 -7.46
C ALA B 440 4.21 10.31 -8.62
N TYR B 441 3.39 11.34 -8.38
CA TYR B 441 2.60 11.98 -9.41
C TYR B 441 3.31 13.20 -10.00
N TYR B 442 4.02 13.95 -9.17
CA TYR B 442 4.53 15.26 -9.55
C TYR B 442 6.06 15.35 -9.58
N GLY B 443 6.78 14.31 -9.11
CA GLY B 443 8.24 14.25 -9.10
C GLY B 443 8.97 15.54 -8.85
N SER B 444 9.92 15.86 -9.75
CA SER B 444 10.74 17.07 -9.63
C SER B 444 9.91 18.34 -9.59
N SER B 445 8.83 18.42 -10.38
CA SER B 445 8.00 19.64 -10.44
C SER B 445 7.19 19.91 -9.15
N LEU B 446 7.26 19.06 -8.13
CA LEU B 446 6.45 19.31 -6.94
C LEU B 446 6.81 20.63 -6.28
N SER B 447 8.11 20.98 -6.24
CA SER B 447 8.55 22.24 -5.63
C SER B 447 7.93 23.43 -6.32
N THR B 448 7.88 23.40 -7.66
CA THR B 448 7.25 24.47 -8.43
C THR B 448 5.77 24.59 -8.13
N LEU B 449 5.05 23.45 -8.06
CA LEU B 449 3.63 23.50 -7.76
C LEU B 449 3.38 24.03 -6.35
N ILE B 450 4.20 23.61 -5.39
CA ILE B 450 4.05 24.12 -4.02
C ILE B 450 4.29 25.62 -3.99
N ALA B 451 5.24 26.09 -4.79
CA ALA B 451 5.46 27.53 -4.88
C ALA B 451 4.25 28.25 -5.43
N GLY B 452 3.64 27.71 -6.49
CA GLY B 452 2.40 28.28 -7.02
C GLY B 452 1.21 28.19 -6.07
N LYS B 453 1.22 27.20 -5.16
CA LYS B 453 0.13 27.08 -4.19
C LYS B 453 0.18 28.19 -3.15
N LYS B 454 1.39 28.50 -2.63
CA LYS B 454 1.57 29.63 -1.73
C LYS B 454 1.09 30.93 -2.36
N LYS B 455 1.28 31.07 -3.67
CA LYS B 455 0.94 32.31 -4.34
C LYS B 455 -0.58 32.47 -4.53
N TRP B 456 -1.28 31.40 -4.91
CA TRP B 456 -2.67 31.51 -5.34
C TRP B 456 -3.71 31.04 -4.32
N ASP B 457 -3.28 30.47 -3.20
CA ASP B 457 -4.21 30.09 -2.14
C ASP B 457 -3.44 30.04 -0.83
N PRO B 458 -2.90 31.16 -0.37
CA PRO B 458 -2.09 31.13 0.86
C PRO B 458 -2.80 30.54 2.04
N GLN B 459 -4.13 30.68 2.12
CA GLN B 459 -4.90 30.24 3.29
C GLN B 459 -5.40 28.79 3.16
N ASN B 460 -5.03 28.09 2.08
CA ASN B 460 -5.43 26.69 1.84
C ASN B 460 -6.96 26.57 1.87
N VAL B 461 -7.62 27.43 1.11
CA VAL B 461 -9.08 27.35 1.00
C VAL B 461 -9.48 26.10 0.23
N PHE B 462 -8.76 25.81 -0.85
CA PHE B 462 -9.06 24.68 -1.72
C PHE B 462 -8.12 23.53 -1.38
N ASN B 463 -8.60 22.58 -0.59
CA ASN B 463 -7.76 21.46 -0.17
C ASN B 463 -8.54 20.16 -0.16
N PHE B 464 -7.80 19.07 -0.27
CA PHE B 464 -8.33 17.72 -0.15
C PHE B 464 -7.16 16.79 0.16
N PRO B 465 -7.43 15.52 0.53
CA PRO B 465 -6.34 14.67 1.01
C PRO B 465 -5.06 14.67 0.18
N GLN B 466 -5.09 15.01 -1.10
CA GLN B 466 -3.87 15.07 -1.90
C GLN B 466 -3.80 16.36 -2.71
N SER B 467 -4.25 17.45 -2.11
CA SER B 467 -4.09 18.73 -2.76
C SER B 467 -2.63 19.15 -2.63
N ILE B 468 -2.23 20.09 -3.48
CA ILE B 468 -0.84 20.55 -3.40
C ILE B 468 -0.60 21.20 -2.04
N PRO B 469 0.50 20.85 -1.33
CA PRO B 469 0.73 21.38 0.02
C PRO B 469 1.13 22.85 0.04
N LEU B 470 1.27 23.40 1.24
CA LEU B 470 1.77 24.77 1.40
C LEU B 470 3.26 24.83 1.72
N LYS B 471 3.81 23.88 2.48
CA LYS B 471 5.22 23.88 2.83
C LYS B 471 5.98 22.83 2.02
N HIS B 472 7.22 23.16 1.65
CA HIS B 472 8.12 22.25 0.93
C HIS B 472 8.58 21.12 1.85
N HIS B 473 9.79 20.61 1.61
CA HIS B 473 10.28 19.47 2.39
C HIS B 473 11.68 19.72 2.98
PA FAD C . 0.64 -14.05 18.46
O1A FAD C . -0.29 -12.95 17.99
O2A FAD C . 0.11 -14.87 19.60
O5B FAD C . 1.10 -15.01 17.26
C5B FAD C . 1.69 -14.53 16.08
C4B FAD C . 1.46 -15.50 14.92
O4B FAD C . 2.05 -16.76 15.20
C3B FAD C . 0.01 -15.79 14.64
O3B FAD C . -0.05 -16.10 13.26
C2B FAD C . -0.22 -17.02 15.49
O2B FAD C . -1.29 -17.78 15.04
C1B FAD C . 1.08 -17.78 15.31
N9A FAD C . 1.30 -18.65 16.48
C8A FAD C . 1.21 -18.23 17.78
N7A FAD C . 1.45 -19.28 18.60
C5A FAD C . 1.68 -20.36 17.82
C6A FAD C . 1.99 -21.67 18.16
N6A FAD C . 2.05 -21.95 19.46
N1A FAD C . 2.19 -22.61 17.17
C2A FAD C . 2.09 -22.22 15.83
N3A FAD C . 1.80 -20.91 15.50
C4A FAD C . 1.61 -19.98 16.48
N1 FAD C . 9.88 -8.58 17.01
C2 FAD C . 11.26 -8.75 17.03
O2 FAD C . 11.85 -9.54 16.27
N3 FAD C . 12.00 -8.02 17.95
C4 FAD C . 11.40 -7.12 18.82
O4 FAD C . 12.08 -6.50 19.63
C4X FAD C . 10.02 -6.95 18.77
N5 FAD C . 9.42 -6.09 19.66
C5X FAD C . 8.05 -6.16 19.85
C6 FAD C . 7.43 -5.43 20.87
C7 FAD C . 6.05 -5.56 21.11
C7M FAD C . 5.37 -4.72 22.16
C8 FAD C . 5.28 -6.38 20.30
C8M FAD C . 3.77 -6.42 20.44
C9 FAD C . 5.89 -7.05 19.23
C9A FAD C . 7.27 -6.98 19.02
N10 FAD C . 7.89 -7.64 17.95
C10 FAD C . 9.26 -7.73 17.91
C1' FAD C . 7.09 -8.40 16.94
C2' FAD C . 7.00 -9.85 17.37
O2' FAD C . 8.19 -10.53 17.04
C3' FAD C . 5.82 -10.49 16.67
O3' FAD C . 4.69 -9.71 17.00
C4' FAD C . 5.62 -11.94 17.10
O4' FAD C . 5.21 -12.67 15.96
C5' FAD C . 4.57 -12.06 18.20
O5' FAD C . 4.42 -13.40 18.65
P FAD C . 3.24 -13.73 19.71
O1P FAD C . 3.25 -15.20 19.95
O2P FAD C . 3.32 -12.93 20.98
O3P FAD C . 1.92 -13.21 18.97
C1 NAG D . -0.66 -37.77 9.56
C2 NAG D . -0.70 -39.29 9.73
C3 NAG D . 0.71 -39.82 10.04
C4 NAG D . 1.68 -39.37 8.95
C5 NAG D . 1.62 -37.85 8.76
C6 NAG D . 2.42 -37.37 7.56
C7 NAG D . -2.90 -40.15 10.48
C8 NAG D . -3.30 -40.15 9.03
N2 NAG D . -1.65 -39.72 10.74
O3 NAG D . 0.70 -41.23 10.16
O4 NAG D . 3.01 -39.81 9.24
O5 NAG D . 0.27 -37.42 8.52
O6 NAG D . 1.64 -37.37 6.37
O7 NAG D . -3.66 -40.51 11.37
PA FAD E . -14.52 14.77 -10.60
O1A FAD E . -14.61 13.87 -9.40
O2A FAD E . -15.76 15.61 -10.71
O5B FAD E . -13.18 15.65 -10.55
C5B FAD E . -11.91 15.09 -10.41
C4B FAD E . -11.02 16.02 -9.57
O4B FAD E . -10.91 17.28 -10.20
C3B FAD E . -11.51 16.27 -8.15
O3B FAD E . -10.34 16.38 -7.35
C2B FAD E . -12.21 17.59 -8.29
O2B FAD E . -12.13 18.31 -7.11
C1B FAD E . -11.39 18.29 -9.34
N9A FAD E . -12.19 19.19 -10.17
C8A FAD E . -13.37 18.88 -10.81
N7A FAD E . -13.81 19.96 -11.50
C5A FAD E . -12.91 20.94 -11.30
C6A FAD E . -12.87 22.24 -11.78
N6A FAD E . -13.85 22.70 -12.56
N1A FAD E . -11.82 23.04 -11.42
C2A FAD E . -10.81 22.56 -10.60
N3A FAD E . -10.83 21.26 -10.13
C4A FAD E . -11.88 20.47 -10.48
N1 FAD E . -9.05 8.59 -17.50
C2 FAD E . -8.33 8.64 -18.69
O2 FAD E . -7.31 9.34 -18.80
N3 FAD E . -8.76 7.92 -19.77
C4 FAD E . -9.89 7.12 -19.70
O4 FAD E . -10.24 6.51 -20.69
C4X FAD E . -10.63 7.08 -18.53
N5 FAD E . -11.82 6.36 -18.46
C5X FAD E . -12.67 6.53 -17.39
C6 FAD E . -13.88 5.85 -17.32
C7 FAD E . -14.77 6.08 -16.27
C7M FAD E . -16.08 5.34 -16.22
C8 FAD E . -14.39 6.89 -15.20
C8M FAD E . -15.27 7.06 -14.00
C9 FAD E . -13.12 7.47 -15.22
C9A FAD E . -12.25 7.31 -16.30
N10 FAD E . -10.98 7.89 -16.31
C10 FAD E . -10.22 7.86 -17.45
C1' FAD E . -10.43 8.65 -15.16
C2' FAD E . -10.85 10.08 -15.29
O2' FAD E . -10.07 10.66 -16.28
C3' FAD E . -10.62 10.78 -13.96
O3' FAD E . -11.47 10.13 -13.04
C4' FAD E . -10.90 12.28 -14.05
O4' FAD E . -10.17 12.94 -13.04
C5' FAD E . -12.39 12.54 -13.84
O5' FAD E . -12.73 13.91 -13.79
P FAD E . -14.26 14.28 -13.43
O1P FAD E . -14.54 15.73 -13.69
O2P FAD E . -15.19 13.40 -14.22
O3P FAD E . -14.33 13.82 -11.89
C1 NAG F . -6.25 38.15 -5.58
C2 NAG F . -6.31 39.69 -5.59
C3 NAG F . -5.94 40.22 -6.98
C4 NAG F . -4.60 39.65 -7.45
C5 NAG F . -4.54 38.12 -7.31
C6 NAG F . -3.16 37.56 -7.55
C7 NAG F . -7.92 40.53 -3.90
C8 NAG F . -9.33 41.02 -3.69
N2 NAG F . -7.62 40.19 -5.17
O3 NAG F . -5.86 41.65 -6.94
O4 NAG F . -4.38 40.06 -8.80
O5 NAG F . -4.93 37.71 -5.99
O6 NAG F . -2.55 37.11 -6.35
O7 NAG F . -7.10 40.45 -2.99
#